data_9K21
#
_entry.id   9K21
#
loop_
_entity.id
_entity.type
_entity.pdbx_description
1 polymer 'Fragment antigen binding heavy chain'
2 polymer 'Fragment antigen binding light chain'
3 polymer 'Sodium- and chloride-dependent taurine transporter'
4 non-polymer 'CHLORIDE ION'
5 non-polymer '3-aminopropane-1-sulfonic acid'
#
loop_
_entity_poly.entity_id
_entity_poly.type
_entity_poly.pdbx_seq_one_letter_code
_entity_poly.pdbx_strand_id
1 'polypeptide(L)'
;EVQLVESGGGLVKPGGSLKLSCAASGFTFSSYAMSWVRQSPEKRLEWVAEISSGGRYIYYSDTVTGRFTISRDNARNILH
LEMSSLRSEDTAMYYCARGEVRQRGFDYWGQGTTLTVS
;
H
2 'polypeptide(L)'
;ENVLTQSPAIMSTSPGEKVTMTCRASSSVGSSYLHWYQQKSGASPKLWIYSTSNLASGVPARFSGSGSGTSYSLTISSVE
AEDAATYYCQQFSGYPLTFGSGTKLEMGSDEVDAGSHHHHHHHHHHGSVEDYKDDDDK
;
L
3 'polypeptide(L)'
;MATKEKLQCLKDFHKDILKPSPGKSPGTRPEDEAEGKPPQREKWSSKIDFVLSVAGGFVGLGNVWRFPYLCYKNGGGAFL
IPYFIFLFGSGLPVFFLEIIIGQYTSEGGITCWEKICPLFSGIGYASVVIVSLLNVYYIVILAWATYYLFQSFQKELPWA
HCNHSWNTPHCMEDTMRKNKSVWITISSTNFTSPVIEFWERNVLSLSPGIDHPGSLKWDLALCLLLVWLVCFFCIWKGVR
STGKVVYFTATFPFAMLLVLLVRGLTLPGAGAGIKFYLYPDITRLEDPQVWIDAGTQIFFSYAICLGAMTSLGSYNKYHN
NVYRDCMLLGCLNSGTSFVSGFAIFSILGFMAQEQGVDIADVAESGPGLAFIAYPKAVTMMPLPTFWSILFFIMLLLLGL
DSQFVEVEGQITSLVDLYPSFLRKGYRREIFIAFVCSISYLLGLTMVTEGGMYVFQLFDYYAASGVCLLWVAFFECFVIA
WIYGGNRFSEDIRDMIGFPPGPWMKYSWAVITPVLCVGCFIFSLVKYVPLTYNKTYVYPNWAIGLGWSLALSSMLCVPLV
IVIRLCQTEGPFLVRVKYLLTPREPNRWAVEREGATPYNSRTVMNGALVKPTHIIVETMMGSDEVDAGSHHHHHHHHHHG
SVEDYKDDDDK
;
A
#
# COMPACT_ATOMS: atom_id res chain seq x y z
N GLU A 1 27.71 1.08 17.09
CA GLU A 1 27.46 0.04 18.12
C GLU A 1 28.73 -0.76 18.40
N VAL A 2 29.15 -0.76 19.67
CA VAL A 2 30.43 -1.36 20.04
C VAL A 2 30.28 -2.44 21.09
N GLN A 3 29.71 -2.10 22.25
CA GLN A 3 30.03 -2.80 23.48
C GLN A 3 28.79 -3.18 24.28
N LEU A 4 28.87 -4.35 24.91
CA LEU A 4 27.91 -4.80 25.91
C LEU A 4 28.66 -5.44 27.07
N VAL A 5 28.18 -5.21 28.30
CA VAL A 5 28.84 -5.72 29.49
C VAL A 5 27.83 -6.17 30.53
N GLU A 6 27.79 -7.48 30.80
CA GLU A 6 26.94 -8.02 31.85
C GLU A 6 27.62 -7.94 33.21
N SER A 7 26.80 -8.00 34.27
CA SER A 7 27.31 -8.01 35.64
C SER A 7 26.28 -8.66 36.54
N GLY A 8 26.72 -9.01 37.75
CA GLY A 8 25.84 -9.57 38.75
C GLY A 8 25.87 -11.08 38.91
N GLY A 9 26.78 -11.78 38.22
CA GLY A 9 26.86 -13.21 38.38
C GLY A 9 27.42 -13.62 39.72
N GLY A 10 27.13 -14.86 40.11
CA GLY A 10 27.66 -15.40 41.35
C GLY A 10 26.92 -16.64 41.84
N LEU A 11 26.82 -16.79 43.15
CA LEU A 11 26.22 -17.96 43.79
C LEU A 11 25.04 -17.54 44.64
N VAL A 12 23.94 -18.30 44.55
CA VAL A 12 22.75 -18.03 45.34
C VAL A 12 22.06 -19.35 45.63
N LYS A 13 21.43 -19.45 46.81
CA LYS A 13 20.83 -20.70 47.23
C LYS A 13 19.67 -21.08 46.31
N PRO A 14 19.42 -22.37 46.13
CA PRO A 14 18.24 -22.79 45.36
C PRO A 14 16.96 -22.21 45.95
N GLY A 15 16.03 -21.82 45.08
CA GLY A 15 14.83 -21.15 45.51
C GLY A 15 15.02 -19.68 45.87
N GLY A 16 16.24 -19.17 45.80
CA GLY A 16 16.50 -17.78 46.08
C GLY A 16 16.18 -16.89 44.89
N SER A 17 16.59 -15.63 45.01
CA SER A 17 16.35 -14.62 43.99
C SER A 17 17.63 -13.86 43.70
N LEU A 18 17.79 -13.47 42.44
CA LEU A 18 18.97 -12.71 42.01
C LEU A 18 18.60 -11.90 40.78
N LYS A 19 19.34 -10.81 40.57
CA LYS A 19 19.09 -9.89 39.46
C LYS A 19 20.39 -9.63 38.71
N LEU A 20 20.35 -9.78 37.38
CA LEU A 20 21.49 -9.51 36.53
C LEU A 20 21.38 -8.13 35.90
N SER A 21 22.53 -7.58 35.51
CA SER A 21 22.62 -6.32 34.80
C SER A 21 23.43 -6.49 33.52
N CYS A 22 23.09 -5.72 32.50
CA CYS A 22 23.83 -5.71 31.23
C CYS A 22 23.91 -4.27 30.73
N ALA A 23 25.10 -3.68 30.81
CA ALA A 23 25.31 -2.32 30.33
C ALA A 23 25.51 -2.32 28.82
N ALA A 24 25.27 -1.16 28.21
CA ALA A 24 25.42 -0.99 26.77
C ALA A 24 26.11 0.34 26.48
N SER A 25 26.84 0.38 25.38
CA SER A 25 27.52 1.60 24.96
C SER A 25 27.71 1.57 23.45
N GLY A 26 27.93 2.76 22.88
CA GLY A 26 28.23 2.91 21.47
C GLY A 26 27.05 2.87 20.54
N PHE A 27 25.82 2.84 21.06
CA PHE A 27 24.63 2.86 20.22
C PHE A 27 23.46 3.39 21.05
N THR A 28 22.40 3.79 20.34
CA THR A 28 21.21 4.35 20.97
C THR A 28 20.42 3.22 21.61
N PHE A 29 20.79 2.91 22.86
CA PHE A 29 20.20 1.76 23.56
C PHE A 29 18.68 1.82 23.57
N SER A 30 18.11 3.02 23.57
CA SER A 30 16.65 3.17 23.58
C SER A 30 16.00 2.80 22.24
N SER A 31 16.71 2.27 21.25
CA SER A 31 16.10 2.01 19.95
C SER A 31 16.44 0.62 19.40
N TYR A 32 16.97 -0.29 20.21
CA TYR A 32 17.27 -1.64 19.77
C TYR A 32 16.71 -2.64 20.77
N ALA A 33 15.97 -3.62 20.28
CA ALA A 33 15.46 -4.68 21.13
C ALA A 33 16.61 -5.52 21.68
N MET A 34 16.45 -5.98 22.92
CA MET A 34 17.48 -6.75 23.62
C MET A 34 16.94 -8.10 24.04
N SER A 35 17.81 -9.10 24.03
CA SER A 35 17.46 -10.47 24.39
C SER A 35 18.51 -11.04 25.34
N TRP A 36 18.08 -11.98 26.16
CA TRP A 36 18.97 -12.75 27.02
C TRP A 36 19.03 -14.19 26.53
N VAL A 37 20.25 -14.73 26.44
CA VAL A 37 20.47 -16.09 25.97
C VAL A 37 21.31 -16.81 27.01
N ARG A 38 20.94 -18.06 27.30
CA ARG A 38 21.48 -18.81 28.43
C ARG A 38 22.27 -20.02 27.93
N GLN A 39 23.50 -20.16 28.40
CA GLN A 39 24.39 -21.26 28.01
C GLN A 39 24.59 -22.18 29.21
N SER A 40 24.16 -23.43 29.06
CA SER A 40 24.26 -24.42 30.12
C SER A 40 25.70 -24.88 30.29
N PRO A 41 26.01 -25.57 31.39
CA PRO A 41 27.34 -26.18 31.52
C PRO A 41 27.64 -27.15 30.39
N GLU A 42 26.60 -27.72 29.78
CA GLU A 42 26.77 -28.56 28.60
C GLU A 42 26.97 -27.74 27.32
N LYS A 43 27.21 -26.43 27.44
CA LYS A 43 27.49 -25.57 26.30
C LYS A 43 26.28 -25.38 25.39
N ARG A 44 25.11 -25.91 25.78
CA ARG A 44 23.91 -25.74 24.98
C ARG A 44 23.28 -24.38 25.25
N LEU A 45 23.05 -23.61 24.19
CA LEU A 45 22.37 -22.33 24.30
C LEU A 45 20.85 -22.53 24.41
N GLU A 46 20.22 -21.60 25.13
CA GLU A 46 18.76 -21.55 25.22
C GLU A 46 18.33 -20.11 25.35
N TRP A 47 17.16 -19.80 24.79
CA TRP A 47 16.63 -18.45 24.86
C TRP A 47 15.83 -18.26 26.15
N VAL A 48 15.89 -17.04 26.69
CA VAL A 48 15.28 -16.74 27.98
C VAL A 48 14.13 -15.76 27.82
N ALA A 49 14.44 -14.54 27.37
CA ALA A 49 13.42 -13.51 27.27
C ALA A 49 13.88 -12.43 26.28
N GLU A 50 12.90 -11.70 25.76
CA GLU A 50 13.14 -10.57 24.86
C GLU A 50 12.32 -9.38 25.34
N ILE A 51 12.92 -8.18 25.23
CA ILE A 51 12.23 -6.93 25.48
C ILE A 51 12.41 -6.05 24.26
N SER A 52 11.31 -5.53 23.73
CA SER A 52 11.38 -4.71 22.53
C SER A 52 12.04 -3.36 22.84
N SER A 53 12.29 -2.59 21.78
CA SER A 53 13.03 -1.34 21.92
C SER A 53 12.38 -0.41 22.93
N GLY A 54 11.05 -0.36 22.98
CA GLY A 54 10.34 0.54 23.84
C GLY A 54 9.81 -0.08 25.12
N GLY A 55 9.99 -1.37 25.32
CA GLY A 55 9.51 -2.03 26.52
C GLY A 55 8.03 -2.33 26.52
N ARG A 56 7.31 -2.07 25.43
CA ARG A 56 5.88 -2.36 25.38
C ARG A 56 5.61 -3.84 25.11
N TYR A 57 6.44 -4.50 24.32
CA TYR A 57 6.30 -5.90 23.99
C TYR A 57 7.38 -6.70 24.71
N ILE A 58 6.97 -7.74 25.44
CA ILE A 58 7.88 -8.61 26.16
C ILE A 58 7.48 -10.05 25.90
N TYR A 59 8.48 -10.90 25.66
CA TYR A 59 8.26 -12.33 25.44
C TYR A 59 9.19 -13.13 26.35
N TYR A 60 8.70 -14.28 26.79
CA TYR A 60 9.45 -15.15 27.69
C TYR A 60 9.48 -16.57 27.14
N SER A 61 10.58 -17.27 27.41
CA SER A 61 10.62 -18.70 27.17
C SER A 61 9.76 -19.41 28.20
N ASP A 62 9.15 -20.53 27.78
CA ASP A 62 8.22 -21.23 28.66
C ASP A 62 8.89 -21.63 29.97
N THR A 63 10.15 -22.04 29.93
CA THR A 63 10.81 -22.52 31.13
C THR A 63 10.95 -21.45 32.20
N VAL A 64 10.83 -20.18 31.83
CA VAL A 64 10.89 -19.06 32.77
C VAL A 64 9.65 -18.17 32.68
N THR A 65 8.56 -18.66 32.09
CA THR A 65 7.44 -17.79 31.79
C THR A 65 6.95 -17.02 33.02
N GLY A 66 7.03 -17.63 34.19
CA GLY A 66 6.56 -16.98 35.41
C GLY A 66 7.66 -16.67 36.40
N ARG A 67 8.88 -17.14 36.13
CA ARG A 67 9.97 -17.00 37.09
C ARG A 67 10.79 -15.72 36.89
N PHE A 68 11.08 -15.36 35.65
CA PHE A 68 11.97 -14.25 35.34
C PHE A 68 11.17 -13.07 34.77
N THR A 69 11.58 -11.87 35.16
CA THR A 69 10.99 -10.62 34.67
C THR A 69 12.09 -9.76 34.09
N ILE A 70 11.95 -9.41 32.82
CA ILE A 70 12.94 -8.60 32.12
C ILE A 70 12.51 -7.14 32.14
N SER A 71 13.48 -6.24 32.22
CA SER A 71 13.21 -4.81 32.23
C SER A 71 14.45 -4.07 31.75
N ARG A 72 14.27 -2.79 31.43
CA ARG A 72 15.34 -1.95 30.91
C ARG A 72 15.21 -0.55 31.47
N ASP A 73 16.32 0.19 31.42
CA ASP A 73 16.38 1.60 31.82
C ASP A 73 16.99 2.37 30.66
N ASN A 74 16.13 3.00 29.85
CA ASN A 74 16.61 3.70 28.66
C ASN A 74 17.55 4.84 29.01
N ALA A 75 17.23 5.61 30.05
CA ALA A 75 18.10 6.73 30.43
C ALA A 75 19.46 6.26 30.90
N ARG A 76 19.52 5.16 31.65
CA ARG A 76 20.79 4.65 32.16
C ARG A 76 21.51 3.75 31.17
N ASN A 77 20.85 3.38 30.06
CA ASN A 77 21.44 2.47 29.08
C ASN A 77 21.84 1.15 29.73
N ILE A 78 20.96 0.61 30.57
CA ILE A 78 21.22 -0.61 31.33
C ILE A 78 20.02 -1.54 31.18
N LEU A 79 20.30 -2.83 31.01
CA LEU A 79 19.28 -3.86 30.85
C LEU A 79 19.25 -4.74 32.09
N HIS A 80 18.05 -5.13 32.52
CA HIS A 80 17.86 -5.89 33.76
C HIS A 80 17.13 -7.20 33.49
N LEU A 81 17.58 -8.26 34.16
CA LEU A 81 16.88 -9.55 34.20
C LEU A 81 16.80 -9.98 35.66
N GLU A 82 15.58 -10.03 36.20
CA GLU A 82 15.34 -10.39 37.59
C GLU A 82 14.78 -11.80 37.69
N MET A 83 15.36 -12.62 38.56
CA MET A 83 14.91 -13.98 38.81
C MET A 83 14.27 -14.04 40.19
N SER A 84 13.02 -14.52 40.24
CA SER A 84 12.26 -14.56 41.48
C SER A 84 12.44 -15.88 42.24
N SER A 85 12.51 -17.00 41.52
CA SER A 85 12.59 -18.31 42.16
C SER A 85 13.48 -19.21 41.29
N LEU A 86 14.74 -19.33 41.67
CA LEU A 86 15.72 -20.06 40.87
C LEU A 86 15.58 -21.57 41.10
N ARG A 87 15.32 -22.31 40.04
CA ARG A 87 15.38 -23.76 40.07
C ARG A 87 16.83 -24.23 39.91
N SER A 88 17.06 -25.49 40.24
CA SER A 88 18.41 -26.05 40.16
C SER A 88 18.94 -26.00 38.72
N GLU A 89 18.05 -26.06 37.73
CA GLU A 89 18.46 -26.08 36.34
C GLU A 89 18.82 -24.70 35.79
N ASP A 90 18.71 -23.64 36.60
CA ASP A 90 18.95 -22.29 36.11
C ASP A 90 20.42 -21.91 36.05
N THR A 91 21.32 -22.71 36.63
CA THR A 91 22.74 -22.37 36.57
C THR A 91 23.21 -22.37 35.13
N ALA A 92 23.91 -21.30 34.75
CA ALA A 92 24.37 -21.15 33.37
C ALA A 92 25.25 -19.90 33.30
N MET A 93 25.71 -19.60 32.09
CA MET A 93 26.37 -18.34 31.77
C MET A 93 25.42 -17.52 30.90
N TYR A 94 25.11 -16.31 31.35
CA TYR A 94 24.05 -15.51 30.75
C TYR A 94 24.63 -14.43 29.86
N TYR A 95 24.17 -14.39 28.62
CA TYR A 95 24.58 -13.40 27.64
C TYR A 95 23.41 -12.49 27.30
N CYS A 96 23.63 -11.18 27.29
CA CYS A 96 22.66 -10.24 26.74
C CYS A 96 23.04 -9.94 25.29
N ALA A 97 22.06 -10.07 24.39
CA ALA A 97 22.30 -10.08 22.96
C ALA A 97 21.38 -9.07 22.28
N ARG A 98 21.95 -8.23 21.43
CA ARG A 98 21.19 -7.20 20.73
C ARG A 98 20.54 -7.79 19.49
N GLY A 99 19.22 -7.61 19.38
CA GLY A 99 18.42 -8.35 18.41
C GLY A 99 17.34 -7.56 17.69
N GLU A 100 17.63 -6.30 17.31
CA GLU A 100 16.57 -5.45 16.78
C GLU A 100 15.89 -6.05 15.56
N VAL A 101 16.66 -6.55 14.60
CA VAL A 101 16.13 -7.05 13.34
C VAL A 101 16.04 -8.56 13.42
N ARG A 102 14.81 -9.09 13.38
CA ARG A 102 14.63 -10.54 13.41
C ARG A 102 15.20 -11.19 12.14
N GLN A 103 15.16 -10.49 11.01
CA GLN A 103 15.77 -11.01 9.80
C GLN A 103 17.28 -10.89 9.80
N ARG A 104 17.90 -10.39 10.88
CA ARG A 104 19.34 -10.18 10.91
C ARG A 104 20.00 -10.74 12.16
N GLY A 105 19.30 -11.58 12.93
CA GLY A 105 19.92 -12.28 14.04
C GLY A 105 20.40 -11.36 15.15
N PHE A 106 21.07 -11.97 16.12
CA PHE A 106 21.62 -11.27 17.29
C PHE A 106 23.00 -10.74 16.90
N ASP A 107 23.08 -9.44 16.59
CA ASP A 107 24.29 -8.88 16.02
C ASP A 107 25.44 -8.81 17.01
N TYR A 108 25.15 -8.57 18.29
CA TYR A 108 26.20 -8.32 19.27
C TYR A 108 25.94 -9.08 20.56
N TRP A 109 27.02 -9.52 21.20
CA TRP A 109 26.97 -10.33 22.41
C TRP A 109 27.90 -9.77 23.47
N GLY A 110 27.46 -9.79 24.72
CA GLY A 110 28.29 -9.36 25.83
C GLY A 110 29.27 -10.43 26.26
N GLN A 111 30.11 -10.07 27.23
CA GLN A 111 31.11 -10.99 27.74
C GLN A 111 30.49 -12.16 28.52
N GLY A 112 29.29 -11.97 29.06
CA GLY A 112 28.61 -13.04 29.78
C GLY A 112 29.04 -13.18 31.23
N THR A 113 28.11 -13.60 32.09
CA THR A 113 28.37 -13.78 33.51
C THR A 113 27.81 -15.11 33.98
N THR A 114 28.60 -15.84 34.77
CA THR A 114 28.18 -17.14 35.28
C THR A 114 27.21 -16.99 36.45
N LEU A 115 26.31 -17.96 36.59
CA LEU A 115 25.37 -18.02 37.70
C LEU A 115 25.30 -19.45 38.20
N THR A 116 25.37 -19.64 39.51
CA THR A 116 25.42 -20.97 40.11
C THR A 116 24.49 -21.03 41.32
N VAL A 117 24.04 -22.25 41.64
CA VAL A 117 23.17 -22.49 42.79
C VAL A 117 23.61 -23.77 43.47
N SER A 118 23.56 -23.79 44.80
CA SER A 118 23.89 -24.99 45.57
C SER A 118 23.27 -24.95 46.96
N GLU B 1 7.01 -25.93 21.28
CA GLU B 1 8.23 -25.22 20.84
C GLU B 1 8.82 -25.86 19.59
N ASN B 2 9.24 -25.02 18.64
CA ASN B 2 9.81 -25.50 17.38
C ASN B 2 11.26 -25.88 17.66
N VAL B 3 11.47 -27.15 18.00
CA VAL B 3 12.81 -27.64 18.35
C VAL B 3 13.66 -27.75 17.08
N LEU B 4 14.92 -27.33 17.19
CA LEU B 4 15.88 -27.42 16.10
C LEU B 4 17.00 -28.39 16.47
N THR B 5 17.40 -29.24 15.51
CA THR B 5 18.43 -30.25 15.72
C THR B 5 19.40 -30.25 14.55
N GLN B 6 20.68 -30.45 14.86
CA GLN B 6 21.75 -30.51 13.87
C GLN B 6 22.28 -31.94 13.80
N SER B 7 22.41 -32.46 12.57
CA SER B 7 22.74 -33.89 12.42
C SER B 7 24.15 -34.22 12.87
N PRO B 8 25.21 -33.60 12.33
CA PRO B 8 26.60 -34.01 12.67
C PRO B 8 27.11 -33.43 13.99
N ALA B 9 26.75 -34.13 15.09
CA ALA B 9 27.02 -33.61 16.42
C ALA B 9 28.46 -33.16 16.58
N ILE B 10 29.43 -33.92 16.06
CA ILE B 10 30.84 -33.54 16.13
C ILE B 10 31.54 -34.07 14.89
N MET B 11 32.53 -33.31 14.42
CA MET B 11 33.22 -33.60 13.17
C MET B 11 34.71 -33.39 13.32
N SER B 12 35.49 -34.42 12.99
CA SER B 12 36.93 -34.26 12.81
C SER B 12 37.21 -33.65 11.44
N THR B 13 38.33 -32.93 11.34
CA THR B 13 38.63 -32.23 10.10
C THR B 13 40.13 -31.93 10.06
N SER B 14 40.63 -31.68 8.85
CA SER B 14 42.01 -31.30 8.61
C SER B 14 42.02 -30.12 7.66
N PRO B 15 43.10 -29.33 7.65
CA PRO B 15 43.12 -28.14 6.79
C PRO B 15 42.88 -28.48 5.33
N GLY B 16 42.16 -27.60 4.64
CA GLY B 16 41.94 -27.69 3.21
C GLY B 16 40.71 -28.48 2.78
N GLU B 17 40.21 -29.36 3.63
CA GLU B 17 39.06 -30.17 3.27
C GLU B 17 37.78 -29.33 3.22
N LYS B 18 36.83 -29.79 2.40
CA LYS B 18 35.50 -29.21 2.37
C LYS B 18 34.66 -29.76 3.51
N VAL B 19 33.85 -28.89 4.13
CA VAL B 19 33.08 -29.25 5.31
C VAL B 19 31.71 -28.59 5.22
N THR B 20 30.68 -29.31 5.69
CA THR B 20 29.32 -28.80 5.70
C THR B 20 28.57 -29.35 6.90
N MET B 21 27.55 -28.60 7.34
CA MET B 21 26.74 -28.95 8.50
C MET B 21 25.27 -28.71 8.19
N THR B 22 24.40 -29.44 8.88
CA THR B 22 22.97 -29.44 8.58
C THR B 22 22.15 -29.02 9.80
N CYS B 23 21.08 -28.27 9.55
CA CYS B 23 20.11 -27.88 10.57
C CYS B 23 18.72 -28.30 10.12
N ARG B 24 17.97 -28.94 11.01
CA ARG B 24 16.60 -29.36 10.75
C ARG B 24 15.70 -28.87 11.87
N ALA B 25 14.45 -28.54 11.51
CA ALA B 25 13.50 -27.97 12.46
C ALA B 25 12.26 -28.85 12.56
N SER B 26 11.66 -28.85 13.75
CA SER B 26 10.39 -29.55 13.95
C SER B 26 9.28 -28.95 13.09
N SER B 27 9.39 -27.69 12.71
CA SER B 27 8.40 -27.04 11.87
C SER B 27 9.12 -26.09 10.92
N SER B 28 8.58 -25.98 9.69
CA SER B 28 9.21 -25.15 8.68
C SER B 28 9.22 -23.68 9.11
N VAL B 29 10.30 -22.99 8.77
CA VAL B 29 10.48 -21.58 9.09
C VAL B 29 11.01 -20.87 7.84
N GLY B 30 10.60 -19.61 7.68
CA GLY B 30 11.00 -18.87 6.49
C GLY B 30 12.50 -18.73 6.37
N SER B 31 12.97 -18.63 5.13
CA SER B 31 14.41 -18.50 4.88
C SER B 31 15.00 -17.29 5.59
N SER B 32 14.26 -16.18 5.64
CA SER B 32 14.78 -14.95 6.23
C SER B 32 14.97 -15.06 7.73
N TYR B 33 14.28 -15.99 8.39
CA TYR B 33 14.27 -16.08 9.85
C TYR B 33 15.12 -17.23 10.40
N LEU B 34 16.24 -17.53 9.76
CA LEU B 34 17.18 -18.53 10.27
C LEU B 34 18.60 -18.02 10.16
N HIS B 35 19.39 -18.25 11.21
CA HIS B 35 20.73 -17.69 11.31
C HIS B 35 21.69 -18.73 11.88
N TRP B 36 22.98 -18.48 11.68
CA TRP B 36 24.04 -19.32 12.24
C TRP B 36 25.03 -18.46 13.01
N TYR B 37 25.50 -18.99 14.13
CA TYR B 37 26.46 -18.31 14.99
C TYR B 37 27.73 -19.14 15.14
N GLN B 38 28.85 -18.44 15.31
CA GLN B 38 30.14 -19.07 15.63
C GLN B 38 30.51 -18.75 17.07
N GLN B 39 30.90 -19.77 17.82
CA GLN B 39 31.45 -19.61 19.16
C GLN B 39 32.80 -20.30 19.25
N LYS B 40 33.85 -19.52 19.41
CA LYS B 40 35.17 -20.08 19.72
C LYS B 40 35.18 -20.57 21.16
N SER B 41 35.96 -21.62 21.41
CA SER B 41 36.04 -22.19 22.75
C SER B 41 36.50 -21.12 23.74
N GLY B 42 35.71 -20.95 24.81
CA GLY B 42 36.04 -19.98 25.83
C GLY B 42 35.77 -18.54 25.46
N ALA B 43 34.84 -18.28 24.54
CA ALA B 43 34.52 -16.92 24.13
C ALA B 43 33.03 -16.83 23.79
N SER B 44 32.53 -15.60 23.73
CA SER B 44 31.12 -15.38 23.45
C SER B 44 30.79 -15.70 22.00
N PRO B 45 29.56 -16.15 21.72
CA PRO B 45 29.16 -16.38 20.32
C PRO B 45 29.14 -15.09 19.52
N LYS B 46 29.25 -15.26 18.20
CA LYS B 46 29.19 -14.14 17.26
C LYS B 46 28.34 -14.55 16.06
N LEU B 47 27.62 -13.57 15.51
CA LEU B 47 26.79 -13.82 14.34
C LEU B 47 27.66 -14.16 13.14
N TRP B 48 27.28 -15.21 12.42
CA TRP B 48 28.10 -15.69 11.31
C TRP B 48 27.34 -15.61 9.98
N ILE B 49 26.12 -16.14 9.97
CA ILE B 49 25.27 -16.13 8.79
C ILE B 49 23.88 -15.67 9.22
N TYR B 50 23.23 -14.89 8.36
CA TYR B 50 21.87 -14.45 8.61
C TYR B 50 21.07 -14.47 7.31
N SER B 51 19.76 -14.62 7.45
CA SER B 51 18.87 -14.82 6.31
C SER B 51 19.35 -15.98 5.44
N THR B 52 19.98 -16.95 6.09
CA THR B 52 20.31 -18.25 5.50
C THR B 52 21.41 -18.25 4.45
N SER B 53 21.79 -17.10 3.91
CA SER B 53 22.93 -17.08 3.01
C SER B 53 23.78 -15.82 3.11
N ASN B 54 23.32 -14.82 3.87
CA ASN B 54 24.08 -13.59 3.97
C ASN B 54 25.17 -13.73 5.02
N LEU B 55 26.35 -13.21 4.70
CA LEU B 55 27.54 -13.42 5.51
C LEU B 55 27.81 -12.18 6.36
N ALA B 56 28.19 -12.41 7.61
CA ALA B 56 28.43 -11.31 8.54
C ALA B 56 29.61 -10.47 8.10
N SER B 57 29.89 -9.39 8.83
CA SER B 57 30.94 -8.47 8.45
C SER B 57 32.35 -9.02 8.69
N GLY B 58 32.50 -9.96 9.63
CA GLY B 58 33.83 -10.42 10.00
C GLY B 58 34.16 -11.84 9.55
N VAL B 59 33.25 -12.46 8.81
CA VAL B 59 33.37 -13.88 8.47
C VAL B 59 34.15 -14.03 7.16
N PRO B 60 35.07 -14.99 7.07
CA PRO B 60 35.76 -15.24 5.80
C PRO B 60 34.78 -15.62 4.69
N ALA B 61 35.12 -15.24 3.46
CA ALA B 61 34.27 -15.52 2.31
C ALA B 61 34.06 -17.01 2.08
N ARG B 62 34.93 -17.88 2.60
CA ARG B 62 34.80 -19.31 2.34
C ARG B 62 33.56 -19.92 2.98
N PHE B 63 32.88 -19.20 3.88
CA PHE B 63 31.63 -19.70 4.43
C PHE B 63 30.48 -19.42 3.47
N SER B 64 29.46 -20.28 3.52
CA SER B 64 28.29 -20.15 2.67
C SER B 64 27.14 -20.92 3.31
N GLY B 65 25.93 -20.62 2.86
CA GLY B 65 24.76 -21.26 3.40
C GLY B 65 23.65 -21.40 2.36
N SER B 66 22.75 -22.33 2.63
CA SER B 66 21.61 -22.56 1.76
C SER B 66 20.56 -23.35 2.53
N GLY B 67 19.36 -23.39 1.96
CA GLY B 67 18.29 -24.17 2.55
C GLY B 67 16.93 -23.52 2.41
N SER B 68 15.88 -24.23 2.82
CA SER B 68 14.52 -23.73 2.75
C SER B 68 13.63 -24.67 3.54
N GLY B 69 12.46 -24.17 3.93
CA GLY B 69 11.47 -24.97 4.60
C GLY B 69 11.91 -25.53 5.94
N THR B 70 12.01 -26.85 6.04
CA THR B 70 12.29 -27.51 7.31
C THR B 70 13.77 -27.82 7.52
N SER B 71 14.61 -27.72 6.50
CA SER B 71 16.00 -28.12 6.61
C SER B 71 16.92 -27.06 6.02
N TYR B 72 18.02 -26.80 6.72
CA TYR B 72 18.95 -25.75 6.32
C TYR B 72 20.38 -26.23 6.55
N SER B 73 21.34 -25.59 5.88
CA SER B 73 22.73 -26.02 5.95
C SER B 73 23.66 -24.84 5.68
N LEU B 74 24.90 -24.96 6.14
CA LEU B 74 26.01 -24.13 5.71
C LEU B 74 27.18 -25.01 5.32
N THR B 75 28.07 -24.49 4.48
CA THR B 75 29.22 -25.23 3.98
C THR B 75 30.46 -24.33 3.95
N ILE B 76 31.62 -24.93 4.17
CA ILE B 76 32.91 -24.25 4.00
C ILE B 76 33.52 -24.74 2.71
N SER B 77 33.97 -23.79 1.86
CA SER B 77 34.62 -24.17 0.62
C SER B 77 35.92 -24.91 0.89
N SER B 78 36.74 -24.41 1.81
CA SER B 78 38.01 -25.05 2.14
C SER B 78 38.42 -24.57 3.53
N VAL B 79 38.48 -25.50 4.49
CA VAL B 79 38.65 -25.09 5.89
C VAL B 79 40.07 -24.58 6.14
N GLU B 80 40.22 -23.87 7.26
CA GLU B 80 41.51 -23.46 7.77
C GLU B 80 41.52 -23.65 9.29
N ALA B 81 42.72 -23.66 9.86
CA ALA B 81 42.85 -23.92 11.29
C ALA B 81 42.06 -22.91 12.12
N GLU B 82 41.88 -21.69 11.61
CA GLU B 82 41.15 -20.67 12.35
C GLU B 82 39.66 -20.96 12.46
N ASP B 83 39.14 -21.92 11.69
CA ASP B 83 37.70 -22.20 11.68
C ASP B 83 37.27 -23.12 12.81
N ALA B 84 38.19 -23.63 13.63
CA ALA B 84 37.83 -24.53 14.72
C ALA B 84 36.93 -23.81 15.72
N ALA B 85 35.65 -24.17 15.74
CA ALA B 85 34.67 -23.55 16.62
C ALA B 85 33.38 -24.38 16.59
N THR B 86 32.43 -23.98 17.42
CA THR B 86 31.10 -24.58 17.46
C THR B 86 30.10 -23.64 16.79
N TYR B 87 29.26 -24.21 15.93
CA TYR B 87 28.31 -23.43 15.14
C TYR B 87 26.88 -23.85 15.47
N TYR B 88 26.04 -22.86 15.78
CA TYR B 88 24.64 -23.10 16.13
C TYR B 88 23.70 -22.52 15.09
N CYS B 89 22.82 -23.36 14.56
CA CYS B 89 21.69 -22.89 13.79
C CYS B 89 20.59 -22.40 14.72
N GLN B 90 19.92 -21.32 14.31
CA GLN B 90 18.92 -20.67 15.15
C GLN B 90 17.79 -20.15 14.27
N GLN B 91 16.56 -20.50 14.61
CA GLN B 91 15.39 -19.93 13.97
C GLN B 91 14.91 -18.69 14.71
N PHE B 92 14.32 -17.75 13.95
CA PHE B 92 13.85 -16.49 14.50
C PHE B 92 12.43 -16.17 14.04
N SER B 93 11.65 -17.17 13.65
CA SER B 93 10.34 -16.93 13.03
C SER B 93 9.22 -16.77 14.06
N GLY B 94 9.36 -17.35 15.25
CA GLY B 94 8.28 -17.29 16.22
C GLY B 94 8.72 -17.77 17.59
N TYR B 95 8.20 -17.13 18.63
CA TYR B 95 8.62 -17.45 19.98
C TYR B 95 7.96 -18.73 20.47
N PRO B 96 8.62 -19.48 21.37
CA PRO B 96 9.97 -19.27 21.93
C PRO B 96 11.05 -19.48 20.89
N LEU B 97 12.11 -18.67 20.92
CA LEU B 97 13.24 -18.87 20.02
C LEU B 97 14.03 -20.11 20.44
N THR B 98 14.61 -20.79 19.45
CA THR B 98 15.28 -22.06 19.69
C THR B 98 16.62 -22.08 18.96
N PHE B 99 17.66 -22.55 19.65
CA PHE B 99 18.97 -22.76 19.05
C PHE B 99 19.20 -24.25 18.82
N GLY B 100 19.86 -24.58 17.71
CA GLY B 100 20.20 -25.96 17.43
C GLY B 100 21.17 -26.51 18.46
N SER B 101 21.34 -27.84 18.41
CA SER B 101 22.20 -28.52 19.37
C SER B 101 23.66 -28.07 19.25
N GLY B 102 24.05 -27.51 18.11
CA GLY B 102 25.42 -27.07 17.92
C GLY B 102 26.34 -28.19 17.47
N THR B 103 27.28 -27.87 16.58
CA THR B 103 28.22 -28.85 16.04
C THR B 103 29.62 -28.23 16.02
N LYS B 104 30.62 -28.98 16.47
CA LYS B 104 31.96 -28.48 16.66
C LYS B 104 32.93 -29.06 15.64
N LEU B 105 33.78 -28.19 15.08
CA LEU B 105 34.90 -28.61 14.24
C LEU B 105 36.09 -28.88 15.14
N GLU B 106 36.46 -30.15 15.27
CA GLU B 106 37.40 -30.59 16.29
C GLU B 106 38.87 -30.41 15.90
N MET B 107 39.17 -30.02 14.67
CA MET B 107 40.56 -29.87 14.23
C MET B 107 40.68 -28.87 13.09
N LYS C 47 4.50 -18.62 -4.52
CA LYS C 47 5.13 -17.40 -5.08
C LYS C 47 4.42 -16.95 -6.36
N ILE C 48 4.25 -17.86 -7.32
CA ILE C 48 3.67 -17.48 -8.60
C ILE C 48 2.25 -16.94 -8.41
N ASP C 49 1.43 -17.63 -7.63
CA ASP C 49 0.05 -17.19 -7.44
C ASP C 49 -0.01 -15.84 -6.72
N PHE C 50 0.86 -15.64 -5.73
CA PHE C 50 0.91 -14.35 -5.04
C PHE C 50 1.31 -13.24 -5.99
N VAL C 51 2.30 -13.50 -6.85
CA VAL C 51 2.74 -12.48 -7.81
C VAL C 51 1.62 -12.15 -8.78
N LEU C 52 0.89 -13.17 -9.24
CA LEU C 52 -0.22 -12.93 -10.15
C LEU C 52 -1.31 -12.10 -9.48
N SER C 53 -1.62 -12.40 -8.22
CA SER C 53 -2.60 -11.61 -7.49
C SER C 53 -2.13 -10.17 -7.34
N VAL C 54 -0.84 -9.98 -7.04
CA VAL C 54 -0.28 -8.65 -6.91
C VAL C 54 -0.43 -7.88 -8.21
N ALA C 55 -0.12 -8.53 -9.33
CA ALA C 55 -0.23 -7.88 -10.63
C ALA C 55 -1.68 -7.51 -10.96
N GLY C 56 -2.63 -8.42 -10.65
CA GLY C 56 -3.99 -8.23 -11.14
C GLY C 56 -4.88 -7.38 -10.25
N GLY C 57 -4.70 -7.44 -8.93
CA GLY C 57 -5.69 -6.90 -8.03
C GLY C 57 -5.67 -5.38 -7.89
N PHE C 58 -4.55 -4.73 -8.20
CA PHE C 58 -4.36 -3.35 -7.78
C PHE C 58 -4.44 -2.33 -8.92
N VAL C 59 -4.19 -2.75 -10.16
CA VAL C 59 -4.40 -1.85 -11.29
C VAL C 59 -5.90 -1.60 -11.46
N GLY C 60 -6.24 -0.44 -12.02
CA GLY C 60 -7.63 -0.12 -12.26
C GLY C 60 -7.77 1.05 -13.21
N LEU C 61 -8.99 1.58 -13.27
CA LEU C 61 -9.25 2.73 -14.14
C LEU C 61 -8.44 3.95 -13.74
N GLY C 62 -7.99 4.03 -12.49
CA GLY C 62 -7.13 5.14 -12.10
C GLY C 62 -5.91 5.25 -13.00
N ASN C 63 -5.43 4.11 -13.50
CA ASN C 63 -4.27 4.10 -14.38
C ASN C 63 -4.67 4.30 -15.84
N VAL C 64 -5.63 3.51 -16.31
CA VAL C 64 -5.92 3.48 -17.75
C VAL C 64 -6.75 4.67 -18.20
N TRP C 65 -7.50 5.30 -17.31
CA TRP C 65 -8.40 6.39 -17.66
C TRP C 65 -8.03 7.71 -16.99
N ARG C 66 -7.85 7.71 -15.67
CA ARG C 66 -7.75 8.98 -14.96
C ARG C 66 -6.43 9.67 -15.25
N PHE C 67 -5.31 8.98 -15.03
CA PHE C 67 -3.99 9.61 -15.12
C PHE C 67 -3.76 10.28 -16.47
N PRO C 68 -4.07 9.66 -17.61
CA PRO C 68 -3.84 10.34 -18.90
C PRO C 68 -4.52 11.69 -19.01
N TYR C 69 -5.78 11.82 -18.58
CA TYR C 69 -6.49 13.08 -18.82
C TYR C 69 -5.98 14.17 -17.88
N LEU C 70 -5.59 13.81 -16.65
CA LEU C 70 -4.93 14.79 -15.79
C LEU C 70 -3.60 15.23 -16.37
N CYS C 71 -2.80 14.28 -16.89
CA CYS C 71 -1.53 14.65 -17.48
C CYS C 71 -1.71 15.58 -18.68
N TYR C 72 -2.68 15.27 -19.54
CA TYR C 72 -2.97 16.12 -20.68
C TYR C 72 -3.50 17.47 -20.24
N LYS C 73 -4.38 17.52 -19.24
CA LYS C 73 -4.98 18.75 -18.73
C LYS C 73 -3.94 19.70 -18.16
N ASN C 74 -2.87 19.18 -17.54
CA ASN C 74 -1.83 19.99 -16.93
C ASN C 74 -0.66 20.25 -17.86
N GLY C 75 -0.77 19.85 -19.14
CA GLY C 75 0.25 20.17 -20.11
C GLY C 75 1.36 19.15 -20.27
N GLY C 76 1.08 17.87 -20.09
CA GLY C 76 2.06 16.85 -20.43
C GLY C 76 3.13 16.69 -19.37
N GLY C 77 4.39 16.82 -19.78
CA GLY C 77 5.52 16.44 -18.96
C GLY C 77 5.65 17.22 -17.67
N ALA C 78 5.11 18.44 -17.61
CA ALA C 78 5.15 19.20 -16.36
C ALA C 78 4.45 18.45 -15.24
N PHE C 79 3.54 17.52 -15.50
CA PHE C 79 2.88 16.72 -14.47
C PHE C 79 3.83 15.71 -13.81
N LEU C 80 4.82 15.19 -14.53
CA LEU C 80 5.68 14.10 -14.06
C LEU C 80 6.62 14.52 -12.93
N ILE C 81 7.05 15.78 -12.89
CA ILE C 81 7.89 16.32 -11.82
C ILE C 81 7.18 16.32 -10.46
N PRO C 82 6.02 16.98 -10.26
CA PRO C 82 5.31 16.94 -9.00
C PRO C 82 4.74 15.56 -8.73
N TYR C 83 4.45 14.75 -9.76
CA TYR C 83 4.02 13.38 -9.58
C TYR C 83 5.10 12.53 -8.88
N PHE C 84 6.34 12.49 -9.38
CA PHE C 84 7.39 11.74 -8.70
C PHE C 84 7.82 12.37 -7.37
N ILE C 85 7.69 13.68 -7.18
CA ILE C 85 7.85 14.33 -5.86
C ILE C 85 6.76 13.93 -4.86
N PHE C 86 5.58 13.47 -5.29
CA PHE C 86 4.55 12.90 -4.43
C PHE C 86 4.56 11.38 -4.33
N LEU C 87 5.19 10.66 -5.25
CA LEU C 87 5.28 9.19 -5.23
C LEU C 87 6.21 8.67 -4.12
N PHE C 88 7.27 9.42 -3.81
CA PHE C 88 8.22 9.17 -2.73
C PHE C 88 8.24 10.38 -1.80
N GLY C 89 8.41 10.23 -0.49
CA GLY C 89 8.24 11.34 0.47
C GLY C 89 6.77 11.66 0.79
N SER C 90 5.87 11.16 -0.04
CA SER C 90 4.51 10.80 0.28
C SER C 90 4.12 9.66 -0.66
N GLY C 91 2.84 9.28 -0.77
CA GLY C 91 2.48 8.18 -1.67
C GLY C 91 2.92 6.85 -1.11
N LEU C 92 4.06 6.29 -1.53
CA LEU C 92 4.53 4.98 -1.08
C LEU C 92 4.65 4.85 0.45
N PRO C 93 5.25 5.78 1.21
CA PRO C 93 5.26 5.70 2.67
C PRO C 93 3.89 5.78 3.32
N VAL C 94 2.92 6.48 2.72
CA VAL C 94 1.54 6.50 3.23
C VAL C 94 0.84 5.19 2.90
N PHE C 95 1.05 4.62 1.71
CA PHE C 95 0.50 3.33 1.35
C PHE C 95 0.96 2.21 2.28
N PHE C 96 2.24 2.18 2.65
CA PHE C 96 2.70 1.22 3.65
C PHE C 96 2.02 1.46 5.00
N LEU C 97 1.97 2.69 5.49
CA LEU C 97 1.28 3.03 6.74
C LEU C 97 -0.17 2.57 6.71
N GLU C 98 -0.88 2.71 5.61
CA GLU C 98 -2.27 2.28 5.51
C GLU C 98 -2.44 0.78 5.66
N ILE C 99 -1.58 -0.01 5.00
CA ILE C 99 -1.63 -1.46 5.17
C ILE C 99 -1.33 -1.85 6.61
N ILE C 100 -0.33 -1.19 7.21
CA ILE C 100 0.11 -1.55 8.56
C ILE C 100 -0.99 -1.28 9.57
N ILE C 101 -1.72 -0.17 9.41
CA ILE C 101 -2.79 0.15 10.36
C ILE C 101 -3.84 -0.97 10.36
N GLY C 102 -4.28 -1.37 9.16
CA GLY C 102 -5.27 -2.43 9.07
C GLY C 102 -4.78 -3.74 9.64
N GLN C 103 -3.55 -4.12 9.29
CA GLN C 103 -3.00 -5.36 9.82
C GLN C 103 -2.88 -5.29 11.34
N TYR C 104 -2.43 -4.14 11.86
CA TYR C 104 -2.20 -3.97 13.29
C TYR C 104 -3.51 -4.08 14.08
N THR C 105 -4.57 -3.41 13.60
CA THR C 105 -5.83 -3.44 14.32
C THR C 105 -6.57 -4.75 14.14
N SER C 106 -6.45 -5.38 12.98
CA SER C 106 -7.33 -6.48 12.59
C SER C 106 -8.79 -6.02 12.60
N GLU C 107 -8.99 -4.77 12.17
CA GLU C 107 -10.31 -4.15 12.16
C GLU C 107 -10.35 -3.12 11.05
N GLY C 108 -11.57 -2.75 10.67
CA GLY C 108 -11.77 -1.83 9.57
C GLY C 108 -11.37 -0.40 9.91
N GLY C 109 -11.68 0.49 8.97
CA GLY C 109 -11.31 1.89 9.13
C GLY C 109 -11.93 2.54 10.34
N ILE C 110 -13.17 2.18 10.68
CA ILE C 110 -13.86 2.85 11.78
C ILE C 110 -13.25 2.46 13.12
N THR C 111 -12.71 1.25 13.25
CA THR C 111 -12.27 0.73 14.53
C THR C 111 -10.80 1.02 14.84
N CYS C 112 -9.93 1.01 13.82
CA CYS C 112 -8.50 1.13 14.08
C CYS C 112 -8.15 2.42 14.80
N TRP C 113 -8.73 3.54 14.37
CA TRP C 113 -8.43 4.81 15.02
C TRP C 113 -8.95 4.86 16.45
N GLU C 114 -9.91 4.00 16.80
CA GLU C 114 -10.28 3.86 18.20
C GLU C 114 -9.13 3.31 19.03
N LYS C 115 -8.32 2.43 18.44
CA LYS C 115 -7.18 1.87 19.16
C LYS C 115 -5.97 2.79 19.10
N ILE C 116 -5.78 3.50 17.98
CA ILE C 116 -4.60 4.34 17.83
C ILE C 116 -4.77 5.65 18.58
N CYS C 117 -5.84 6.40 18.29
CA CYS C 117 -6.05 7.72 18.88
C CYS C 117 -7.54 8.07 18.87
N PRO C 118 -8.25 7.83 19.98
CA PRO C 118 -9.72 8.00 19.95
C PRO C 118 -10.20 9.36 19.43
N LEU C 119 -9.50 10.45 19.73
CA LEU C 119 -9.94 11.77 19.25
C LEU C 119 -10.16 11.75 17.75
N PHE C 120 -9.19 11.24 17.00
CA PHE C 120 -9.21 11.28 15.54
C PHE C 120 -9.97 10.11 14.92
N SER C 121 -10.90 9.51 15.66
CA SER C 121 -11.71 8.42 15.10
C SER C 121 -12.50 8.88 13.88
N GLY C 122 -12.73 10.19 13.75
CA GLY C 122 -13.49 10.70 12.62
C GLY C 122 -12.85 10.43 11.27
N ILE C 123 -11.56 10.07 11.26
CA ILE C 123 -10.89 9.74 10.01
C ILE C 123 -11.57 8.55 9.34
N GLY C 124 -12.10 7.61 10.14
CA GLY C 124 -12.79 6.47 9.56
C GLY C 124 -14.04 6.90 8.81
N TYR C 125 -14.85 7.77 9.40
CA TYR C 125 -16.03 8.27 8.70
C TYR C 125 -15.65 9.10 7.50
N ALA C 126 -14.55 9.85 7.59
CA ALA C 126 -14.07 10.58 6.41
C ALA C 126 -13.76 9.63 5.26
N SER C 127 -13.06 8.54 5.56
CA SER C 127 -12.74 7.56 4.52
C SER C 127 -14.02 6.92 3.98
N VAL C 128 -14.96 6.58 4.86
CA VAL C 128 -16.17 5.91 4.44
C VAL C 128 -16.99 6.81 3.52
N VAL C 129 -17.11 8.09 3.88
CA VAL C 129 -17.89 9.01 3.05
C VAL C 129 -17.16 9.30 1.74
N ILE C 130 -15.83 9.33 1.75
CA ILE C 130 -15.08 9.45 0.51
C ILE C 130 -15.41 8.28 -0.41
N VAL C 131 -15.43 7.07 0.16
CA VAL C 131 -15.73 5.90 -0.65
C VAL C 131 -17.14 5.97 -1.19
N SER C 132 -18.08 6.48 -0.39
CA SER C 132 -19.45 6.62 -0.86
C SER C 132 -19.54 7.58 -2.04
N LEU C 133 -18.94 8.76 -1.91
CA LEU C 133 -19.00 9.73 -2.98
C LEU C 133 -18.29 9.21 -4.21
N LEU C 134 -17.21 8.44 -4.02
CA LEU C 134 -16.57 7.79 -5.14
C LEU C 134 -17.52 6.81 -5.82
N ASN C 135 -18.01 5.83 -5.07
CA ASN C 135 -18.85 4.78 -5.67
C ASN C 135 -20.04 5.37 -6.41
N VAL C 136 -20.53 6.54 -5.98
CA VAL C 136 -21.66 7.13 -6.69
C VAL C 136 -21.31 7.39 -8.16
N TYR C 137 -20.13 7.97 -8.40
CA TYR C 137 -19.77 8.47 -9.73
C TYR C 137 -18.84 7.56 -10.51
N TYR C 138 -18.03 6.77 -9.80
CA TYR C 138 -17.02 5.93 -10.46
C TYR C 138 -17.66 4.99 -11.46
N ILE C 139 -18.90 4.54 -11.20
CA ILE C 139 -19.55 3.55 -12.06
C ILE C 139 -20.09 4.17 -13.35
N VAL C 140 -20.20 5.49 -13.42
CA VAL C 140 -20.67 6.11 -14.66
C VAL C 140 -19.65 5.86 -15.77
N ILE C 141 -18.38 5.72 -15.43
CA ILE C 141 -17.37 5.34 -16.41
C ILE C 141 -17.71 3.99 -17.01
N LEU C 142 -18.13 3.04 -16.18
CA LEU C 142 -18.54 1.73 -16.68
C LEU C 142 -19.83 1.82 -17.48
N ALA C 143 -20.70 2.77 -17.14
CA ALA C 143 -21.88 2.99 -17.97
C ALA C 143 -21.49 3.41 -19.38
N TRP C 144 -20.57 4.37 -19.48
CA TRP C 144 -20.09 4.79 -20.80
C TRP C 144 -19.41 3.64 -21.53
N ALA C 145 -18.60 2.86 -20.82
CA ALA C 145 -17.92 1.73 -21.44
C ALA C 145 -18.92 0.71 -21.97
N THR C 146 -19.97 0.44 -21.20
CA THR C 146 -20.99 -0.49 -21.67
C THR C 146 -21.71 0.04 -22.90
N TYR C 147 -21.99 1.35 -22.93
CA TYR C 147 -22.61 1.92 -24.13
C TYR C 147 -21.71 1.77 -25.35
N TYR C 148 -20.41 2.03 -25.18
CA TYR C 148 -19.48 1.81 -26.28
C TYR C 148 -19.47 0.36 -26.71
N LEU C 149 -19.50 -0.56 -25.75
CA LEU C 149 -19.50 -1.98 -26.09
C LEU C 149 -20.72 -2.34 -26.93
N PHE C 150 -21.89 -1.86 -26.53
CA PHE C 150 -23.10 -2.14 -27.30
C PHE C 150 -23.02 -1.53 -28.69
N GLN C 151 -22.52 -0.30 -28.81
CA GLN C 151 -22.42 0.34 -30.11
C GLN C 151 -21.32 -0.26 -30.97
N SER C 152 -20.42 -1.06 -30.39
CA SER C 152 -19.38 -1.71 -31.17
C SER C 152 -19.92 -2.85 -32.02
N PHE C 153 -21.12 -3.35 -31.74
CA PHE C 153 -21.71 -4.46 -32.47
C PHE C 153 -22.30 -4.00 -33.80
N GLN C 154 -21.42 -3.56 -34.69
CA GLN C 154 -21.83 -3.10 -36.02
C GLN C 154 -20.75 -3.48 -37.03
N LYS C 155 -21.16 -3.54 -38.30
CA LYS C 155 -20.19 -3.83 -39.36
C LYS C 155 -19.19 -2.69 -39.52
N GLU C 156 -19.60 -1.46 -39.22
CA GLU C 156 -18.72 -0.29 -39.26
C GLU C 156 -18.92 0.50 -37.99
N LEU C 157 -17.82 0.87 -37.34
CA LEU C 157 -17.91 1.56 -36.07
C LEU C 157 -18.55 2.94 -36.28
N PRO C 158 -19.41 3.39 -35.36
CA PRO C 158 -20.10 4.67 -35.58
C PRO C 158 -19.19 5.88 -35.51
N TRP C 159 -18.02 5.76 -34.88
CA TRP C 159 -17.07 6.86 -34.79
C TRP C 159 -16.01 6.81 -35.88
N ALA C 160 -16.18 5.96 -36.90
CA ALA C 160 -15.23 5.91 -38.01
C ALA C 160 -15.46 7.02 -39.03
N HIS C 161 -16.72 7.25 -39.39
CA HIS C 161 -17.07 8.23 -40.42
C HIS C 161 -18.32 8.97 -39.97
N CYS C 162 -18.48 10.19 -40.46
CA CYS C 162 -19.57 11.06 -40.02
C CYS C 162 -20.68 11.20 -41.05
N ASN C 163 -21.09 10.11 -41.70
CA ASN C 163 -22.33 10.13 -42.46
C ASN C 163 -23.55 10.04 -41.56
N HIS C 164 -23.37 9.73 -40.28
CA HIS C 164 -24.48 9.45 -39.38
C HIS C 164 -25.24 10.72 -39.00
N SER C 165 -26.43 10.51 -38.44
CA SER C 165 -27.41 11.59 -38.28
C SER C 165 -26.98 12.63 -37.24
N TRP C 166 -26.32 12.20 -36.17
CA TRP C 166 -26.01 13.09 -35.06
C TRP C 166 -24.93 14.11 -35.39
N ASN C 167 -24.30 14.00 -36.56
CA ASN C 167 -23.09 14.76 -36.85
C ASN C 167 -23.42 16.15 -37.39
N THR C 168 -22.61 17.13 -36.98
CA THR C 168 -22.79 18.50 -37.44
C THR C 168 -22.32 18.65 -38.90
N PRO C 169 -22.80 19.67 -39.61
CA PRO C 169 -22.25 19.94 -40.94
C PRO C 169 -20.80 20.36 -40.92
N HIS C 170 -20.28 20.77 -39.76
CA HIS C 170 -18.88 21.15 -39.63
C HIS C 170 -17.93 19.95 -39.60
N CYS C 171 -18.43 18.74 -39.84
CA CYS C 171 -17.57 17.57 -39.77
C CYS C 171 -16.54 17.58 -40.90
N MET C 172 -15.39 16.99 -40.61
CA MET C 172 -14.41 16.63 -41.63
C MET C 172 -13.82 15.28 -41.26
N GLU C 173 -13.88 14.33 -42.20
CA GLU C 173 -13.24 13.04 -42.00
C GLU C 173 -11.77 13.25 -41.68
N ASP C 174 -11.28 12.58 -40.63
CA ASP C 174 -9.97 12.91 -40.09
C ASP C 174 -8.88 12.83 -41.15
N THR C 175 -8.99 11.86 -42.07
CA THR C 175 -7.94 11.68 -43.07
C THR C 175 -7.91 12.82 -44.08
N MET C 176 -9.04 13.49 -44.31
CA MET C 176 -9.11 14.57 -45.28
C MET C 176 -8.94 15.95 -44.66
N ARG C 177 -8.85 16.05 -43.33
CA ARG C 177 -8.85 17.36 -42.67
C ARG C 177 -7.57 18.14 -42.91
N LYS C 178 -6.47 17.46 -43.26
CA LYS C 178 -5.19 18.15 -43.43
C LYS C 178 -5.17 19.10 -44.63
N ASN C 179 -6.09 18.93 -45.57
CA ASN C 179 -6.11 19.77 -46.77
C ASN C 179 -6.59 21.18 -46.45
N THR C 189 -10.01 26.20 -39.44
CA THR C 189 -11.45 26.42 -39.44
C THR C 189 -12.12 25.67 -38.30
N ASN C 190 -13.45 25.70 -38.27
CA ASN C 190 -14.23 25.05 -37.22
C ASN C 190 -14.36 23.54 -37.41
N PHE C 191 -13.59 22.94 -38.32
CA PHE C 191 -13.74 21.51 -38.60
C PHE C 191 -13.58 20.69 -37.33
N THR C 192 -14.45 19.70 -37.17
CA THR C 192 -14.47 18.83 -36.00
C THR C 192 -14.26 17.38 -36.43
N SER C 193 -13.53 16.63 -35.59
CA SER C 193 -13.26 15.23 -35.91
C SER C 193 -14.46 14.36 -35.55
N PRO C 194 -14.71 13.29 -36.32
CA PRO C 194 -15.90 12.47 -36.05
C PRO C 194 -15.89 11.81 -34.67
N VAL C 195 -14.74 11.41 -34.16
CA VAL C 195 -14.70 10.73 -32.86
C VAL C 195 -15.14 11.68 -31.75
N ILE C 196 -14.65 12.91 -31.79
CA ILE C 196 -14.94 13.86 -30.72
C ILE C 196 -16.42 14.20 -30.68
N GLU C 197 -17.01 14.48 -31.84
CA GLU C 197 -18.42 14.85 -31.85
C GLU C 197 -19.34 13.65 -31.68
N PHE C 198 -18.91 12.44 -32.06
CA PHE C 198 -19.62 11.25 -31.62
C PHE C 198 -19.68 11.21 -30.10
N TRP C 199 -18.54 11.28 -29.43
CA TRP C 199 -18.49 11.32 -27.97
C TRP C 199 -19.40 12.42 -27.43
N GLU C 200 -19.29 13.66 -27.90
CA GLU C 200 -20.10 14.77 -27.38
C GLU C 200 -21.59 14.76 -27.76
N ARG C 201 -22.08 14.10 -28.83
CA ARG C 201 -23.45 14.25 -29.28
C ARG C 201 -24.25 12.95 -29.30
N ASN C 202 -23.62 11.80 -29.54
CA ASN C 202 -24.33 10.52 -29.52
C ASN C 202 -24.25 9.90 -28.13
N VAL C 203 -23.04 9.66 -27.65
CA VAL C 203 -22.84 9.07 -26.33
C VAL C 203 -23.30 10.04 -25.25
N LEU C 204 -22.70 11.22 -25.22
CA LEU C 204 -22.81 12.15 -24.11
C LEU C 204 -23.97 13.14 -24.28
N SER C 205 -24.31 13.52 -25.51
CA SER C 205 -25.39 14.47 -25.80
C SER C 205 -25.23 15.73 -24.94
N LEU C 206 -24.03 16.30 -24.95
CA LEU C 206 -23.58 17.35 -24.03
C LEU C 206 -24.38 18.65 -24.22
N SER C 207 -25.07 19.10 -23.17
CA SER C 207 -25.81 20.35 -23.18
C SER C 207 -24.86 21.51 -22.92
N PRO C 208 -25.30 22.76 -23.15
CA PRO C 208 -24.35 23.89 -23.11
C PRO C 208 -23.91 24.29 -21.70
N GLY C 209 -24.20 23.49 -20.69
CA GLY C 209 -23.71 23.80 -19.36
C GLY C 209 -24.41 22.99 -18.29
N ILE C 210 -23.85 23.07 -17.08
CA ILE C 210 -24.45 22.41 -15.91
C ILE C 210 -25.82 23.01 -15.61
N ASP C 211 -26.04 24.27 -15.99
CA ASP C 211 -27.34 24.91 -15.81
C ASP C 211 -28.43 24.29 -16.66
N HIS C 212 -28.09 23.41 -17.59
CA HIS C 212 -29.03 22.83 -18.55
C HIS C 212 -28.98 21.31 -18.46
N PRO C 213 -29.55 20.72 -17.41
CA PRO C 213 -29.57 19.26 -17.33
C PRO C 213 -30.17 18.60 -18.55
N GLY C 214 -31.21 19.20 -19.14
CA GLY C 214 -31.85 18.62 -20.29
C GLY C 214 -32.53 17.30 -19.95
N SER C 215 -32.74 16.50 -20.99
CA SER C 215 -33.40 15.22 -20.83
C SER C 215 -32.45 14.21 -20.16
N LEU C 216 -33.05 13.16 -19.61
CA LEU C 216 -32.31 12.07 -18.98
C LEU C 216 -32.22 10.91 -19.97
N LYS C 217 -31.01 10.56 -20.38
CA LYS C 217 -30.82 9.58 -21.44
C LYS C 217 -31.25 8.20 -20.97
N TRP C 218 -32.22 7.61 -21.69
CA TRP C 218 -32.71 6.28 -21.34
C TRP C 218 -31.66 5.20 -21.54
N ASP C 219 -30.84 5.31 -22.59
CA ASP C 219 -29.86 4.25 -22.88
C ASP C 219 -28.81 4.16 -21.79
N LEU C 220 -28.21 5.29 -21.41
CA LEU C 220 -27.18 5.26 -20.39
C LEU C 220 -27.77 4.99 -19.01
N ALA C 221 -29.03 5.36 -18.78
CA ALA C 221 -29.71 4.94 -17.55
C ALA C 221 -29.83 3.42 -17.50
N LEU C 222 -30.15 2.79 -18.65
CA LEU C 222 -30.19 1.34 -18.71
C LEU C 222 -28.81 0.76 -18.44
N CYS C 223 -27.76 1.39 -18.99
CA CYS C 223 -26.40 0.92 -18.75
C CYS C 223 -26.05 0.97 -17.28
N LEU C 224 -26.36 2.09 -16.60
CA LEU C 224 -26.08 2.18 -15.17
C LEU C 224 -26.84 1.12 -14.41
N LEU C 225 -28.12 0.91 -14.75
CA LEU C 225 -28.89 -0.11 -14.05
C LEU C 225 -28.28 -1.49 -14.27
N LEU C 226 -27.83 -1.77 -15.48
CA LEU C 226 -27.20 -3.06 -15.77
C LEU C 226 -25.97 -3.29 -14.91
N VAL C 227 -25.10 -2.27 -14.85
CA VAL C 227 -23.85 -2.44 -14.10
C VAL C 227 -24.15 -2.58 -12.60
N TRP C 228 -25.09 -1.79 -12.10
CA TRP C 228 -25.45 -1.89 -10.69
C TRP C 228 -26.10 -3.23 -10.36
N LEU C 229 -26.88 -3.78 -11.30
CA LEU C 229 -27.42 -5.12 -11.09
C LEU C 229 -26.31 -6.15 -11.02
N VAL C 230 -25.31 -6.03 -11.90
CA VAL C 230 -24.16 -6.93 -11.85
C VAL C 230 -23.51 -6.85 -10.47
N CYS C 231 -23.25 -5.62 -10.01
CA CYS C 231 -22.61 -5.45 -8.71
C CYS C 231 -23.47 -6.03 -7.59
N PHE C 232 -24.77 -5.78 -7.63
CA PHE C 232 -25.66 -6.26 -6.57
C PHE C 232 -25.57 -7.78 -6.49
N PHE C 233 -25.78 -8.46 -7.63
CA PHE C 233 -25.80 -9.92 -7.61
C PHE C 233 -24.44 -10.49 -7.23
N CYS C 234 -23.35 -9.89 -7.73
CA CYS C 234 -22.02 -10.40 -7.41
C CYS C 234 -21.74 -10.30 -5.92
N ILE C 235 -21.95 -9.11 -5.33
CA ILE C 235 -21.61 -8.94 -3.93
C ILE C 235 -22.56 -9.75 -3.05
N TRP C 236 -23.83 -9.83 -3.43
CA TRP C 236 -24.79 -10.65 -2.69
C TRP C 236 -24.34 -12.10 -2.67
N LYS C 237 -23.97 -12.64 -3.85
CA LYS C 237 -23.48 -14.01 -3.94
C LYS C 237 -22.03 -14.14 -3.47
N GLY C 238 -21.33 -13.04 -3.25
CA GLY C 238 -19.93 -13.12 -2.90
C GLY C 238 -19.00 -13.45 -4.04
N VAL C 239 -19.43 -13.20 -5.28
CA VAL C 239 -18.65 -13.62 -6.44
C VAL C 239 -17.42 -12.73 -6.59
N ARG C 240 -16.26 -13.35 -6.79
CA ARG C 240 -15.03 -12.64 -7.14
C ARG C 240 -14.12 -13.61 -7.88
N SER C 241 -13.27 -13.07 -8.73
CA SER C 241 -12.35 -13.90 -9.50
C SER C 241 -11.28 -14.49 -8.58
N THR C 242 -11.36 -15.80 -8.35
CA THR C 242 -10.42 -16.50 -7.50
C THR C 242 -9.93 -17.79 -8.14
N GLY C 243 -10.69 -18.31 -9.11
CA GLY C 243 -10.43 -19.60 -9.70
C GLY C 243 -9.38 -19.55 -10.80
N LYS C 244 -9.42 -20.57 -11.66
CA LYS C 244 -8.55 -20.58 -12.83
C LYS C 244 -8.82 -19.41 -13.76
N VAL C 245 -10.00 -18.79 -13.65
CA VAL C 245 -10.32 -17.62 -14.45
C VAL C 245 -9.40 -16.45 -14.15
N VAL C 246 -8.63 -16.51 -13.06
CA VAL C 246 -7.71 -15.43 -12.73
C VAL C 246 -6.64 -15.27 -13.80
N TYR C 247 -6.13 -16.38 -14.33
CA TYR C 247 -5.08 -16.30 -15.34
C TYR C 247 -5.54 -15.48 -16.54
N PHE C 248 -6.83 -15.48 -16.84
CA PHE C 248 -7.36 -14.62 -17.88
C PHE C 248 -7.63 -13.21 -17.36
N THR C 249 -8.35 -13.11 -16.25
CA THR C 249 -8.83 -11.80 -15.80
C THR C 249 -7.68 -10.86 -15.45
N ALA C 250 -6.66 -11.37 -14.77
CA ALA C 250 -5.56 -10.53 -14.31
C ALA C 250 -4.58 -10.16 -15.42
N THR C 251 -4.51 -10.96 -16.48
CA THR C 251 -3.54 -10.73 -17.55
C THR C 251 -4.13 -10.03 -18.77
N PHE C 252 -5.44 -10.14 -19.00
CA PHE C 252 -6.03 -9.52 -20.17
C PHE C 252 -5.76 -8.02 -20.22
N PRO C 253 -5.90 -7.26 -19.13
CA PRO C 253 -5.63 -5.81 -19.22
C PRO C 253 -4.23 -5.50 -19.72
N PHE C 254 -3.22 -6.23 -19.23
CA PHE C 254 -1.86 -5.96 -19.66
C PHE C 254 -1.66 -6.33 -21.13
N ALA C 255 -2.29 -7.42 -21.57
CA ALA C 255 -2.21 -7.77 -22.99
C ALA C 255 -2.79 -6.66 -23.85
N MET C 256 -3.95 -6.13 -23.46
CA MET C 256 -4.56 -5.06 -24.23
C MET C 256 -3.70 -3.80 -24.20
N LEU C 257 -3.16 -3.46 -23.04
CA LEU C 257 -2.34 -2.24 -22.95
C LEU C 257 -1.06 -2.38 -23.77
N LEU C 258 -0.43 -3.56 -23.77
CA LEU C 258 0.74 -3.76 -24.61
C LEU C 258 0.38 -3.64 -26.09
N VAL C 259 -0.74 -4.23 -26.49
CA VAL C 259 -1.15 -4.14 -27.89
C VAL C 259 -1.38 -2.69 -28.29
N LEU C 260 -2.06 -1.94 -27.41
CA LEU C 260 -2.36 -0.54 -27.72
C LEU C 260 -1.10 0.32 -27.72
N LEU C 261 -0.14 0.02 -26.84
CA LEU C 261 1.12 0.75 -26.86
C LEU C 261 1.86 0.49 -28.16
N VAL C 262 1.85 -0.76 -28.63
CA VAL C 262 2.48 -1.09 -29.91
C VAL C 262 1.81 -0.33 -31.03
N ARG C 263 0.46 -0.31 -31.03
CA ARG C 263 -0.27 0.42 -32.05
C ARG C 263 0.07 1.91 -32.02
N GLY C 264 0.12 2.50 -30.83
CA GLY C 264 0.38 3.92 -30.70
C GLY C 264 1.77 4.32 -31.16
N LEU C 265 2.80 3.62 -30.67
CA LEU C 265 4.16 4.05 -30.98
C LEU C 265 4.49 3.86 -32.45
N THR C 266 3.81 2.94 -33.13
CA THR C 266 4.03 2.73 -34.55
C THR C 266 3.29 3.74 -35.42
N LEU C 267 2.47 4.60 -34.83
CA LEU C 267 1.76 5.61 -35.59
C LEU C 267 2.75 6.61 -36.17
N PRO C 268 2.39 7.25 -37.29
CA PRO C 268 3.35 8.16 -37.96
C PRO C 268 3.62 9.44 -37.20
N GLY C 269 2.91 9.72 -36.10
CA GLY C 269 3.07 10.96 -35.38
C GLY C 269 3.43 10.78 -33.91
N ALA C 270 3.90 9.58 -33.55
CA ALA C 270 4.14 9.28 -32.14
C ALA C 270 5.23 10.17 -31.53
N GLY C 271 6.26 10.50 -32.32
CA GLY C 271 7.39 11.22 -31.76
C GLY C 271 7.01 12.55 -31.14
N ALA C 272 6.15 13.30 -31.82
CA ALA C 272 5.71 14.59 -31.28
C ALA C 272 4.91 14.40 -30.00
N GLY C 273 4.08 13.35 -29.96
CA GLY C 273 3.31 13.09 -28.75
C GLY C 273 4.21 12.75 -27.57
N ILE C 274 5.24 11.94 -27.81
CA ILE C 274 6.16 11.58 -26.72
C ILE C 274 6.99 12.79 -26.29
N LYS C 275 7.41 13.62 -27.24
CA LYS C 275 8.14 14.83 -26.90
C LYS C 275 7.28 15.76 -26.04
N PHE C 276 6.00 15.87 -26.37
CA PHE C 276 5.08 16.63 -25.51
C PHE C 276 4.94 15.96 -24.15
N TYR C 277 4.91 14.63 -24.12
CA TYR C 277 4.61 13.89 -22.90
C TYR C 277 5.77 13.93 -21.91
N LEU C 278 7.01 13.97 -22.39
CA LEU C 278 8.18 13.86 -21.52
C LEU C 278 8.96 15.15 -21.35
N TYR C 279 8.89 16.08 -22.30
CA TYR C 279 9.59 17.35 -22.18
C TYR C 279 8.81 18.28 -21.25
N PRO C 280 9.32 18.62 -20.06
CA PRO C 280 8.55 19.46 -19.14
C PRO C 280 8.52 20.93 -19.53
N ASP C 281 7.76 21.71 -18.77
CA ASP C 281 7.64 23.16 -18.92
C ASP C 281 7.94 23.82 -17.57
N ILE C 282 9.09 23.45 -17.00
CA ILE C 282 9.40 23.76 -15.60
C ILE C 282 9.28 25.24 -15.29
N THR C 283 9.40 26.11 -16.30
CA THR C 283 9.45 27.55 -16.07
C THR C 283 8.09 28.23 -16.11
N ARG C 284 7.05 27.56 -16.60
CA ARG C 284 5.75 28.20 -16.75
C ARG C 284 4.57 27.36 -16.23
N LEU C 285 4.71 26.04 -16.11
CA LEU C 285 3.58 25.18 -15.77
C LEU C 285 3.27 25.14 -14.27
N GLU C 286 4.10 25.77 -13.44
CA GLU C 286 3.95 25.61 -11.99
C GLU C 286 2.88 26.52 -11.39
N ASP C 287 1.66 26.39 -11.88
CA ASP C 287 0.49 26.98 -11.24
C ASP C 287 0.09 26.10 -10.05
N PRO C 288 -0.88 26.54 -9.25
CA PRO C 288 -1.27 25.71 -8.09
C PRO C 288 -2.03 24.45 -8.46
N GLN C 289 -2.72 24.43 -9.60
CA GLN C 289 -3.57 23.28 -9.93
C GLN C 289 -2.75 22.01 -10.11
N VAL C 290 -1.60 22.11 -10.78
CA VAL C 290 -0.87 20.91 -11.18
C VAL C 290 -0.38 20.13 -9.95
N TRP C 291 -0.04 20.82 -8.87
CA TRP C 291 0.50 20.24 -7.64
C TRP C 291 -0.54 19.43 -6.87
N ILE C 292 -1.74 19.98 -6.63
CA ILE C 292 -2.83 19.17 -6.08
C ILE C 292 -3.19 18.03 -7.04
N ASP C 293 -3.22 18.26 -8.36
CA ASP C 293 -3.60 17.21 -9.30
C ASP C 293 -2.64 16.04 -9.20
N ALA C 294 -1.34 16.32 -9.19
CA ALA C 294 -0.27 15.33 -9.09
C ALA C 294 -0.32 14.54 -7.78
N GLY C 295 -0.37 15.22 -6.63
CA GLY C 295 -0.41 14.51 -5.35
C GLY C 295 -1.69 13.70 -5.18
N THR C 296 -2.84 14.28 -5.50
CA THR C 296 -4.08 13.56 -5.34
C THR C 296 -4.27 12.48 -6.39
N GLN C 297 -3.56 12.55 -7.51
CA GLN C 297 -3.55 11.41 -8.43
C GLN C 297 -2.88 10.21 -7.77
N ILE C 298 -1.75 10.39 -7.07
CA ILE C 298 -1.11 9.27 -6.36
C ILE C 298 -2.08 8.71 -5.34
N PHE C 299 -2.64 9.58 -4.49
CA PHE C 299 -3.48 9.14 -3.40
C PHE C 299 -4.78 8.53 -3.90
N PHE C 300 -5.34 8.99 -5.04
CA PHE C 300 -6.50 8.33 -5.62
C PHE C 300 -6.14 6.98 -6.21
N SER C 301 -5.03 6.92 -6.95
CA SER C 301 -4.66 5.68 -7.63
C SER C 301 -4.37 4.57 -6.63
N TYR C 302 -3.69 4.90 -5.53
CA TYR C 302 -3.42 3.94 -4.48
C TYR C 302 -4.63 3.64 -3.61
N ALA C 303 -5.71 4.43 -3.71
CA ALA C 303 -6.93 4.20 -2.94
C ALA C 303 -6.65 4.14 -1.43
N ILE C 304 -5.66 4.92 -1.00
CA ILE C 304 -5.17 4.92 0.38
C ILE C 304 -6.23 5.50 1.32
N CYS C 305 -6.50 6.80 1.20
CA CYS C 305 -7.42 7.48 2.10
C CYS C 305 -8.85 6.99 1.96
N LEU C 306 -9.15 6.23 0.91
CA LEU C 306 -10.48 5.65 0.79
C LEU C 306 -10.74 4.64 1.90
N GLY C 307 -9.67 4.13 2.53
CA GLY C 307 -9.80 3.21 3.64
C GLY C 307 -9.98 1.76 3.26
N ALA C 308 -10.20 1.46 1.97
CA ALA C 308 -10.31 0.07 1.55
C ALA C 308 -9.02 -0.69 1.78
N MET C 309 -7.87 0.00 1.77
CA MET C 309 -6.60 -0.70 1.96
C MET C 309 -6.45 -1.19 3.39
N THR C 310 -7.13 -0.56 4.35
CA THR C 310 -7.15 -1.12 5.69
C THR C 310 -7.78 -2.51 5.69
N SER C 311 -8.88 -2.67 4.95
CA SER C 311 -9.47 -3.99 4.79
C SER C 311 -8.54 -4.92 4.02
N LEU C 312 -7.92 -4.41 2.95
CA LEU C 312 -7.03 -5.24 2.15
C LEU C 312 -5.86 -5.78 2.96
N GLY C 313 -5.42 -5.02 3.97
CA GLY C 313 -4.34 -5.46 4.82
C GLY C 313 -4.81 -6.35 5.95
N SER C 314 -5.96 -6.03 6.53
CA SER C 314 -6.50 -6.84 7.63
C SER C 314 -6.80 -8.27 7.19
N TYR C 315 -7.06 -8.51 5.91
CA TYR C 315 -7.31 -9.85 5.42
C TYR C 315 -6.04 -10.67 5.23
N ASN C 316 -4.86 -10.04 5.27
CA ASN C 316 -3.62 -10.74 5.03
C ASN C 316 -3.08 -11.35 6.32
N LYS C 317 -2.35 -12.46 6.16
CA LYS C 317 -1.65 -13.07 7.29
C LYS C 317 -0.56 -12.13 7.79
N TYR C 318 -0.46 -12.00 9.11
CA TYR C 318 0.47 -11.03 9.69
C TYR C 318 1.93 -11.40 9.44
N HIS C 319 2.25 -12.70 9.45
CA HIS C 319 3.63 -13.16 9.32
C HIS C 319 4.08 -13.12 7.85
N ASN C 320 4.14 -11.90 7.32
CA ASN C 320 4.54 -11.68 5.93
C ASN C 320 5.38 -10.41 5.84
N ASN C 321 6.20 -10.35 4.80
CA ASN C 321 7.05 -9.19 4.52
C ASN C 321 6.21 -8.09 3.85
N VAL C 322 5.37 -7.45 4.66
CA VAL C 322 4.45 -6.45 4.13
C VAL C 322 5.20 -5.31 3.47
N TYR C 323 6.42 -5.00 3.93
CA TYR C 323 7.19 -3.90 3.36
C TYR C 323 7.48 -4.14 1.89
N ARG C 324 8.05 -5.30 1.57
CA ARG C 324 8.38 -5.62 0.18
C ARG C 324 7.13 -5.70 -0.68
N ASP C 325 6.06 -6.29 -0.15
CA ASP C 325 4.81 -6.40 -0.90
C ASP C 325 4.25 -5.01 -1.22
N CYS C 326 4.26 -4.07 -0.27
CA CYS C 326 3.77 -2.70 -0.50
C CYS C 326 4.64 -1.94 -1.49
N MET C 327 5.96 -2.04 -1.39
CA MET C 327 6.84 -1.41 -2.37
C MET C 327 6.63 -2.02 -3.77
N LEU C 328 6.40 -3.34 -3.89
CA LEU C 328 6.16 -3.95 -5.19
C LEU C 328 4.84 -3.47 -5.78
N LEU C 329 3.77 -3.50 -4.97
CA LEU C 329 2.46 -3.10 -5.44
C LEU C 329 2.46 -1.65 -5.90
N GLY C 330 3.00 -0.75 -5.08
CA GLY C 330 2.95 0.67 -5.37
C GLY C 330 3.83 1.05 -6.57
N CYS C 331 5.00 0.43 -6.72
CA CYS C 331 5.83 0.63 -7.92
C CYS C 331 5.18 0.03 -9.17
N LEU C 332 4.51 -1.12 -9.10
CA LEU C 332 3.83 -1.68 -10.25
C LEU C 332 2.68 -0.79 -10.71
N ASN C 333 1.89 -0.27 -9.75
CA ASN C 333 0.79 0.61 -10.11
C ASN C 333 1.29 1.87 -10.81
N SER C 334 2.26 2.57 -10.20
CA SER C 334 2.81 3.79 -10.81
C SER C 334 3.47 3.49 -12.15
N GLY C 335 4.10 2.33 -12.29
CA GLY C 335 4.74 1.97 -13.53
C GLY C 335 3.75 1.73 -14.66
N THR C 336 2.67 0.99 -14.37
CA THR C 336 1.67 0.78 -15.42
C THR C 336 1.01 2.08 -15.83
N SER C 337 0.74 2.97 -14.87
CA SER C 337 0.21 4.28 -15.22
C SER C 337 1.14 5.00 -16.18
N PHE C 338 2.40 5.14 -15.77
CA PHE C 338 3.39 5.85 -16.57
C PHE C 338 3.57 5.21 -17.95
N VAL C 339 3.45 3.87 -18.05
CA VAL C 339 3.67 3.18 -19.32
C VAL C 339 2.51 3.44 -20.27
N SER C 340 1.27 3.34 -19.77
CA SER C 340 0.10 3.62 -20.61
C SER C 340 0.03 5.09 -21.02
N GLY C 341 0.67 5.97 -20.25
CA GLY C 341 0.83 7.34 -20.70
C GLY C 341 1.41 7.41 -22.10
N PHE C 342 2.37 6.54 -22.41
CA PHE C 342 2.95 6.53 -23.75
C PHE C 342 1.92 6.20 -24.81
N ALA C 343 1.07 5.20 -24.58
CA ALA C 343 0.08 4.85 -25.60
C ALA C 343 -0.84 6.03 -25.86
N ILE C 344 -1.36 6.63 -24.78
CA ILE C 344 -2.29 7.75 -24.95
C ILE C 344 -1.62 8.89 -25.71
N PHE C 345 -0.44 9.31 -25.28
CA PHE C 345 0.13 10.53 -25.85
C PHE C 345 0.77 10.29 -27.22
N SER C 346 1.18 9.06 -27.53
CA SER C 346 1.54 8.75 -28.90
C SER C 346 0.33 8.82 -29.81
N ILE C 347 -0.82 8.33 -29.36
CA ILE C 347 -2.03 8.46 -30.17
C ILE C 347 -2.38 9.92 -30.37
N LEU C 348 -2.23 10.73 -29.33
CA LEU C 348 -2.51 12.17 -29.48
C LEU C 348 -1.52 12.82 -30.44
N GLY C 349 -0.25 12.43 -30.38
CA GLY C 349 0.71 12.96 -31.34
C GLY C 349 0.33 12.60 -32.77
N PHE C 350 -0.15 11.38 -32.98
CA PHE C 350 -0.64 10.99 -34.29
C PHE C 350 -1.84 11.84 -34.70
N MET C 351 -2.76 12.09 -33.76
CA MET C 351 -3.95 12.90 -34.06
C MET C 351 -3.56 14.31 -34.46
N ALA C 352 -2.56 14.90 -33.78
CA ALA C 352 -2.11 16.24 -34.14
C ALA C 352 -1.41 16.23 -35.50
N GLN C 353 -0.54 15.24 -35.73
CA GLN C 353 0.18 15.18 -36.99
C GLN C 353 -0.78 15.03 -38.16
N GLU C 354 -1.89 14.28 -37.96
CA GLU C 354 -2.83 14.02 -39.04
C GLU C 354 -3.84 15.14 -39.25
N GLN C 355 -3.83 16.18 -38.42
CA GLN C 355 -4.84 17.24 -38.53
C GLN C 355 -4.27 18.65 -38.51
N GLY C 356 -3.00 18.85 -38.18
CA GLY C 356 -2.40 20.17 -38.27
C GLY C 356 -2.79 21.14 -37.17
N VAL C 357 -3.09 20.65 -35.97
CA VAL C 357 -3.34 21.50 -34.82
C VAL C 357 -2.39 21.07 -33.71
N ASP C 358 -2.10 21.99 -32.80
CA ASP C 358 -1.20 21.70 -31.70
C ASP C 358 -1.75 20.56 -30.85
N ILE C 359 -0.84 19.78 -30.26
CA ILE C 359 -1.23 18.58 -29.54
C ILE C 359 -2.19 18.91 -28.41
N ALA C 360 -2.06 20.10 -27.81
CA ALA C 360 -2.90 20.49 -26.70
C ALA C 360 -4.36 20.68 -27.10
N ASP C 361 -4.65 20.77 -28.40
CA ASP C 361 -5.98 21.10 -28.87
C ASP C 361 -6.72 19.93 -29.54
N VAL C 362 -6.06 18.79 -29.74
CA VAL C 362 -6.65 17.72 -30.54
C VAL C 362 -7.86 17.12 -29.86
N ALA C 363 -7.91 16.99 -28.53
CA ALA C 363 -8.90 16.19 -27.82
C ALA C 363 -9.41 16.90 -26.56
N GLU C 364 -10.53 16.44 -25.99
CA GLU C 364 -11.09 17.05 -24.79
C GLU C 364 -10.17 16.87 -23.59
N SER C 365 -9.94 17.94 -22.82
CA SER C 365 -9.13 17.89 -21.60
C SER C 365 -9.87 17.35 -20.38
N GLY C 366 -11.18 17.12 -20.48
CA GLY C 366 -11.98 16.53 -19.40
C GLY C 366 -11.86 15.00 -19.33
N PRO C 367 -12.78 14.33 -18.62
CA PRO C 367 -12.86 12.88 -18.49
C PRO C 367 -12.86 12.07 -19.79
N GLY C 368 -13.22 12.68 -20.92
CA GLY C 368 -13.38 11.98 -22.19
C GLY C 368 -12.08 11.56 -22.88
N LEU C 369 -10.90 11.88 -22.37
CA LEU C 369 -9.67 11.68 -23.14
C LEU C 369 -9.49 10.22 -23.55
N ALA C 370 -9.75 9.29 -22.64
CA ALA C 370 -9.59 7.88 -22.98
C ALA C 370 -10.58 7.44 -24.05
N PHE C 371 -11.85 7.87 -23.93
CA PHE C 371 -12.89 7.51 -24.88
C PHE C 371 -12.79 8.30 -26.17
N ILE C 372 -11.86 9.22 -26.27
CA ILE C 372 -11.48 9.83 -27.55
C ILE C 372 -10.26 9.16 -28.15
N ALA C 373 -9.28 8.82 -27.31
CA ALA C 373 -7.99 8.33 -27.81
C ALA C 373 -8.08 6.87 -28.24
N TYR C 374 -8.51 5.97 -27.35
CA TYR C 374 -8.51 4.55 -27.70
C TYR C 374 -9.44 4.21 -28.85
N PRO C 375 -10.68 4.72 -28.91
CA PRO C 375 -11.49 4.47 -30.11
C PRO C 375 -10.77 4.85 -31.40
N LYS C 376 -10.03 5.97 -31.39
CA LYS C 376 -9.25 6.36 -32.56
C LYS C 376 -8.23 5.28 -32.93
N ALA C 377 -7.49 4.77 -31.94
CA ALA C 377 -6.48 3.76 -32.20
C ALA C 377 -7.11 2.47 -32.73
N VAL C 378 -8.20 2.01 -32.10
CA VAL C 378 -8.84 0.78 -32.53
C VAL C 378 -9.54 0.92 -33.87
N THR C 379 -9.79 2.16 -34.31
CA THR C 379 -10.30 2.37 -35.65
C THR C 379 -9.29 1.98 -36.73
N MET C 380 -8.02 1.87 -36.39
CA MET C 380 -6.96 1.71 -37.38
C MET C 380 -6.19 0.40 -37.21
N MET C 381 -6.91 -0.68 -36.92
CA MET C 381 -6.28 -1.99 -36.78
C MET C 381 -7.13 -3.01 -37.51
N PRO C 382 -6.53 -4.11 -37.98
CA PRO C 382 -7.30 -5.07 -38.77
C PRO C 382 -8.54 -5.55 -38.02
N LEU C 383 -9.67 -5.59 -38.71
CA LEU C 383 -10.94 -5.93 -38.10
C LEU C 383 -11.18 -5.02 -36.90
N PRO C 384 -11.50 -3.74 -37.13
CA PRO C 384 -11.66 -2.81 -36.00
C PRO C 384 -12.68 -3.26 -34.96
N THR C 385 -13.80 -3.86 -35.39
CA THR C 385 -14.85 -4.21 -34.44
C THR C 385 -14.36 -5.22 -33.40
N PHE C 386 -13.57 -6.20 -33.83
CA PHE C 386 -13.02 -7.18 -32.91
C PHE C 386 -12.25 -6.50 -31.79
N TRP C 387 -11.31 -5.62 -32.16
CA TRP C 387 -10.47 -4.98 -31.16
C TRP C 387 -11.25 -3.95 -30.33
N SER C 388 -12.27 -3.33 -30.90
CA SER C 388 -13.12 -2.44 -30.10
C SER C 388 -13.83 -3.22 -29.01
N ILE C 389 -14.42 -4.36 -29.38
CA ILE C 389 -15.10 -5.21 -28.41
C ILE C 389 -14.12 -5.69 -27.35
N LEU C 390 -12.92 -6.13 -27.77
CA LEU C 390 -11.93 -6.59 -26.81
C LEU C 390 -11.55 -5.47 -25.85
N PHE C 391 -11.31 -4.27 -26.39
CA PHE C 391 -10.91 -3.15 -25.54
C PHE C 391 -11.95 -2.85 -24.48
N PHE C 392 -13.22 -2.74 -24.88
CA PHE C 392 -14.22 -2.34 -23.90
C PHE C 392 -14.59 -3.47 -22.95
N ILE C 393 -14.50 -4.73 -23.38
CA ILE C 393 -14.67 -5.83 -22.43
C ILE C 393 -13.55 -5.81 -21.39
N MET C 394 -12.30 -5.59 -21.86
CA MET C 394 -11.18 -5.46 -20.94
C MET C 394 -11.40 -4.31 -19.97
N LEU C 395 -11.87 -3.17 -20.48
CA LEU C 395 -12.11 -2.01 -19.63
C LEU C 395 -13.18 -2.29 -18.58
N LEU C 396 -14.25 -2.99 -18.97
CA LEU C 396 -15.29 -3.32 -18.00
C LEU C 396 -14.78 -4.29 -16.96
N LEU C 397 -13.96 -5.27 -17.34
CA LEU C 397 -13.36 -6.16 -16.35
C LEU C 397 -12.48 -5.38 -15.38
N LEU C 398 -11.62 -4.53 -15.92
CA LEU C 398 -10.72 -3.71 -15.10
C LEU C 398 -11.49 -2.81 -14.15
N GLY C 399 -12.65 -2.33 -14.57
CA GLY C 399 -13.48 -1.50 -13.73
C GLY C 399 -14.22 -2.27 -12.66
N LEU C 400 -14.81 -3.41 -13.03
CA LEU C 400 -15.58 -4.20 -12.07
C LEU C 400 -14.69 -4.78 -10.98
N ASP C 401 -13.47 -5.21 -11.34
CA ASP C 401 -12.59 -5.77 -10.33
C ASP C 401 -12.25 -4.77 -9.24
N SER C 402 -12.42 -3.47 -9.51
CA SER C 402 -12.26 -2.41 -8.53
C SER C 402 -13.59 -2.06 -7.85
N GLN C 403 -14.66 -2.00 -8.64
CA GLN C 403 -15.97 -1.66 -8.10
C GLN C 403 -16.40 -2.64 -7.02
N PHE C 404 -16.14 -3.93 -7.24
CA PHE C 404 -16.50 -4.94 -6.25
C PHE C 404 -15.77 -4.69 -4.94
N VAL C 405 -14.48 -4.36 -5.01
CA VAL C 405 -13.70 -4.15 -3.80
C VAL C 405 -14.19 -2.92 -3.06
N GLU C 406 -14.47 -1.84 -3.79
CA GLU C 406 -14.95 -0.62 -3.13
C GLU C 406 -16.31 -0.84 -2.47
N VAL C 407 -17.21 -1.54 -3.15
CA VAL C 407 -18.54 -1.80 -2.59
C VAL C 407 -18.42 -2.68 -1.36
N GLU C 408 -17.58 -3.73 -1.44
CA GLU C 408 -17.40 -4.62 -0.30
C GLU C 408 -16.83 -3.86 0.90
N GLY C 409 -15.85 -2.98 0.66
CA GLY C 409 -15.30 -2.20 1.76
C GLY C 409 -16.32 -1.29 2.40
N GLN C 410 -17.13 -0.61 1.57
CA GLN C 410 -18.19 0.24 2.12
C GLN C 410 -19.18 -0.57 2.95
N ILE C 411 -19.64 -1.70 2.41
CA ILE C 411 -20.66 -2.48 3.10
C ILE C 411 -20.09 -2.99 4.43
N THR C 412 -18.87 -3.52 4.41
CA THR C 412 -18.26 -4.04 5.63
C THR C 412 -18.10 -2.92 6.66
N SER C 413 -17.65 -1.75 6.22
CA SER C 413 -17.46 -0.64 7.16
C SER C 413 -18.79 -0.22 7.78
N LEU C 414 -19.84 -0.08 6.95
CA LEU C 414 -21.11 0.40 7.48
C LEU C 414 -21.76 -0.61 8.40
N VAL C 415 -21.67 -1.91 8.08
CA VAL C 415 -22.24 -2.91 8.98
C VAL C 415 -21.43 -2.98 10.27
N ASP C 416 -20.11 -2.82 10.18
CA ASP C 416 -19.29 -2.75 11.38
C ASP C 416 -19.64 -1.53 12.22
N LEU C 417 -20.14 -0.46 11.59
CA LEU C 417 -20.56 0.72 12.32
C LEU C 417 -21.90 0.53 13.03
N TYR C 418 -22.66 -0.50 12.68
CA TYR C 418 -23.94 -0.76 13.32
C TYR C 418 -24.28 -2.24 13.19
N PRO C 419 -23.46 -3.12 13.77
CA PRO C 419 -23.65 -4.56 13.55
C PRO C 419 -24.93 -5.11 14.14
N SER C 420 -25.46 -4.49 15.20
CA SER C 420 -26.62 -5.07 15.88
C SER C 420 -27.81 -5.21 14.94
N PHE C 421 -28.01 -4.24 14.05
CA PHE C 421 -29.13 -4.29 13.11
C PHE C 421 -28.73 -4.90 11.77
N LEU C 422 -27.55 -4.54 11.26
CA LEU C 422 -27.14 -4.95 9.93
C LEU C 422 -26.75 -6.42 9.82
N ARG C 423 -26.34 -7.05 10.93
CA ARG C 423 -25.85 -8.42 10.89
C ARG C 423 -26.97 -9.45 10.98
N LYS C 424 -28.23 -9.04 11.05
CA LYS C 424 -29.32 -9.97 11.25
C LYS C 424 -29.67 -10.74 9.98
N GLY C 425 -28.76 -11.60 9.52
CA GLY C 425 -29.04 -12.48 8.39
C GLY C 425 -29.41 -11.76 7.11
N TYR C 426 -30.67 -11.86 6.71
CA TYR C 426 -31.14 -11.23 5.49
C TYR C 426 -30.95 -9.71 5.50
N ARG C 427 -30.69 -9.13 6.67
CA ARG C 427 -30.39 -7.71 6.75
C ARG C 427 -29.25 -7.34 5.80
N ARG C 428 -28.26 -8.22 5.67
CA ARG C 428 -27.14 -7.96 4.76
C ARG C 428 -27.63 -7.84 3.31
N GLU C 429 -28.41 -8.83 2.86
CA GLU C 429 -28.89 -8.82 1.48
C GLU C 429 -29.75 -7.60 1.22
N ILE C 430 -30.58 -7.21 2.20
CA ILE C 430 -31.45 -6.05 2.00
C ILE C 430 -30.62 -4.77 1.99
N PHE C 431 -29.61 -4.69 2.84
CA PHE C 431 -28.80 -3.47 2.97
C PHE C 431 -27.98 -3.23 1.72
N ILE C 432 -27.43 -4.29 1.13
CA ILE C 432 -26.70 -4.12 -0.13
C ILE C 432 -27.63 -3.56 -1.20
N ALA C 433 -28.85 -4.08 -1.27
CA ALA C 433 -29.81 -3.57 -2.25
C ALA C 433 -30.13 -2.10 -1.99
N PHE C 434 -30.29 -1.73 -0.73
CA PHE C 434 -30.55 -0.32 -0.40
C PHE C 434 -29.40 0.56 -0.87
N VAL C 435 -28.16 0.16 -0.58
CA VAL C 435 -27.01 0.97 -0.94
C VAL C 435 -26.92 1.13 -2.45
N CYS C 436 -27.11 0.02 -3.18
CA CYS C 436 -27.06 0.08 -4.63
C CYS C 436 -28.17 0.97 -5.20
N SER C 437 -29.37 0.86 -4.64
CA SER C 437 -30.48 1.70 -5.10
C SER C 437 -30.16 3.17 -4.93
N ILE C 438 -29.67 3.56 -3.75
CA ILE C 438 -29.38 4.97 -3.51
C ILE C 438 -28.24 5.44 -4.43
N SER C 439 -27.22 4.61 -4.60
CA SER C 439 -26.10 4.99 -5.46
C SER C 439 -26.56 5.17 -6.90
N TYR C 440 -27.43 4.28 -7.38
CA TYR C 440 -27.97 4.41 -8.73
C TYR C 440 -28.81 5.66 -8.88
N LEU C 441 -29.65 5.96 -7.87
CA LEU C 441 -30.48 7.15 -7.95
C LEU C 441 -29.66 8.43 -7.94
N LEU C 442 -28.50 8.43 -7.28
CA LEU C 442 -27.61 9.58 -7.43
C LEU C 442 -26.90 9.57 -8.79
N GLY C 443 -26.46 8.40 -9.24
CA GLY C 443 -25.77 8.32 -10.53
C GLY C 443 -26.62 8.81 -11.68
N LEU C 444 -27.95 8.68 -11.56
CA LEU C 444 -28.83 9.17 -12.63
C LEU C 444 -28.53 10.61 -13.00
N THR C 445 -28.14 11.44 -12.03
CA THR C 445 -27.91 12.85 -12.31
C THR C 445 -26.80 13.04 -13.35
N MET C 446 -25.76 12.22 -13.28
CA MET C 446 -24.66 12.29 -14.23
C MET C 446 -24.99 11.69 -15.58
N VAL C 447 -26.22 11.23 -15.78
CA VAL C 447 -26.66 10.65 -17.04
C VAL C 447 -27.54 11.61 -17.84
N THR C 448 -27.87 12.77 -17.29
CA THR C 448 -28.63 13.76 -18.04
C THR C 448 -27.73 14.36 -19.12
N GLU C 449 -28.36 15.13 -20.01
CA GLU C 449 -27.59 15.79 -21.06
C GLU C 449 -26.49 16.66 -20.46
N GLY C 450 -26.75 17.26 -19.30
CA GLY C 450 -25.76 17.98 -18.52
C GLY C 450 -24.97 17.12 -17.55
N GLY C 451 -25.05 15.80 -17.69
CA GLY C 451 -24.43 14.92 -16.71
C GLY C 451 -22.92 15.01 -16.67
N MET C 452 -22.27 15.30 -17.80
CA MET C 452 -20.81 15.37 -17.81
C MET C 452 -20.31 16.42 -16.84
N TYR C 453 -20.95 17.57 -16.77
CA TYR C 453 -20.52 18.62 -15.88
C TYR C 453 -20.61 18.21 -14.42
N VAL C 454 -21.65 17.46 -14.03
CA VAL C 454 -21.79 16.96 -12.67
C VAL C 454 -20.76 15.89 -12.39
N PHE C 455 -20.52 15.01 -13.36
CA PHE C 455 -19.48 13.99 -13.23
C PHE C 455 -18.11 14.63 -13.02
N GLN C 456 -17.79 15.67 -13.79
CA GLN C 456 -16.51 16.34 -13.68
C GLN C 456 -16.39 17.04 -12.34
N LEU C 457 -17.48 17.61 -11.85
CA LEU C 457 -17.49 18.23 -10.54
C LEU C 457 -17.22 17.21 -9.44
N PHE C 458 -17.87 16.03 -9.50
CA PHE C 458 -17.58 14.96 -8.55
C PHE C 458 -16.13 14.49 -8.68
N ASP C 459 -15.66 14.25 -9.90
CA ASP C 459 -14.32 13.72 -10.08
C ASP C 459 -13.28 14.67 -9.51
N TYR C 460 -13.49 15.99 -9.58
CA TYR C 460 -12.53 16.94 -9.05
C TYR C 460 -12.65 17.12 -7.53
N TYR C 461 -13.85 17.33 -6.99
CA TYR C 461 -14.02 17.69 -5.58
C TYR C 461 -14.34 16.52 -4.64
N ALA C 462 -15.08 15.51 -5.07
CA ALA C 462 -15.70 14.57 -4.13
C ALA C 462 -14.74 13.53 -3.58
N ALA C 463 -13.89 12.93 -4.41
CA ALA C 463 -13.05 11.82 -3.97
C ALA C 463 -11.58 12.05 -4.32
N SER C 464 -11.21 13.27 -4.71
CA SER C 464 -9.83 13.61 -4.99
C SER C 464 -9.62 15.07 -4.58
N GLY C 465 -8.52 15.66 -5.02
CA GLY C 465 -8.28 17.02 -4.63
C GLY C 465 -7.91 17.16 -3.16
N VAL C 466 -8.26 18.32 -2.60
CA VAL C 466 -7.74 18.74 -1.31
C VAL C 466 -8.21 17.86 -0.15
N CYS C 467 -9.32 17.14 -0.31
CA CYS C 467 -9.80 16.32 0.80
C CYS C 467 -8.88 15.12 1.06
N LEU C 468 -8.31 14.53 0.02
CA LEU C 468 -7.35 13.45 0.22
C LEU C 468 -6.11 13.97 0.93
N LEU C 469 -5.67 15.18 0.59
CA LEU C 469 -4.55 15.82 1.27
C LEU C 469 -4.89 16.11 2.74
N TRP C 470 -6.14 16.48 3.03
CA TRP C 470 -6.59 16.66 4.41
C TRP C 470 -6.47 15.37 5.20
N VAL C 471 -7.03 14.29 4.65
CA VAL C 471 -7.07 13.02 5.38
C VAL C 471 -5.67 12.46 5.55
N ALA C 472 -4.84 12.50 4.50
CA ALA C 472 -3.47 11.98 4.56
C ALA C 472 -2.60 12.82 5.51
N PHE C 473 -2.80 14.14 5.56
CA PHE C 473 -2.13 14.96 6.55
C PHE C 473 -2.48 14.52 7.96
N PHE C 474 -3.77 14.38 8.24
CA PHE C 474 -4.14 14.02 9.61
C PHE C 474 -3.71 12.60 9.97
N GLU C 475 -3.76 11.64 9.04
CA GLU C 475 -3.25 10.31 9.34
C GLU C 475 -1.78 10.38 9.75
N CYS C 476 -0.94 10.98 8.91
CA CYS C 476 0.50 11.05 9.18
C CYS C 476 0.77 11.89 10.42
N PHE C 477 0.08 13.00 10.62
CA PHE C 477 0.27 13.81 11.82
C PHE C 477 -0.06 13.02 13.08
N VAL C 478 -1.21 12.35 13.10
CA VAL C 478 -1.58 11.58 14.28
C VAL C 478 -0.51 10.55 14.58
N ILE C 479 -0.22 9.68 13.61
CA ILE C 479 0.66 8.56 13.92
C ILE C 479 2.06 9.05 14.28
N ALA C 480 2.54 10.10 13.60
CA ALA C 480 3.92 10.53 13.80
C ALA C 480 4.10 11.30 15.11
N TRP C 481 3.14 12.16 15.47
CA TRP C 481 3.34 13.12 16.56
C TRP C 481 2.43 12.89 17.76
N ILE C 482 1.20 12.46 17.56
CA ILE C 482 0.29 12.22 18.67
C ILE C 482 0.47 10.82 19.23
N TYR C 483 0.31 9.81 18.38
CA TYR C 483 0.59 8.43 18.77
C TYR C 483 2.08 8.24 19.03
N GLY C 484 2.93 8.79 18.17
CA GLY C 484 4.36 8.63 18.32
C GLY C 484 4.98 7.72 17.27
N GLY C 485 5.89 8.28 16.47
CA GLY C 485 6.63 7.47 15.52
C GLY C 485 7.42 6.38 16.20
N ASN C 486 7.90 6.62 17.42
CA ASN C 486 8.64 5.61 18.15
C ASN C 486 7.75 4.42 18.52
N ARG C 487 6.59 4.69 19.10
CA ARG C 487 5.63 3.62 19.38
C ARG C 487 5.27 2.87 18.12
N PHE C 488 5.01 3.60 17.03
CA PHE C 488 4.59 2.94 15.81
C PHE C 488 5.71 2.08 15.24
N SER C 489 6.96 2.55 15.35
CA SER C 489 8.10 1.76 14.89
C SER C 489 8.28 0.51 15.75
N GLU C 490 8.04 0.62 17.05
CA GLU C 490 8.08 -0.56 17.91
C GLU C 490 7.01 -1.55 17.50
N ASP C 491 5.80 -1.05 17.21
CA ASP C 491 4.72 -1.93 16.76
C ASP C 491 5.09 -2.63 15.46
N ILE C 492 5.70 -1.89 14.53
CA ILE C 492 6.07 -2.48 13.25
C ILE C 492 7.19 -3.50 13.43
N ARG C 493 8.15 -3.20 14.31
CA ARG C 493 9.13 -4.22 14.70
C ARG C 493 8.42 -5.49 15.14
N ASP C 494 7.44 -5.34 16.03
CA ASP C 494 6.71 -6.53 16.50
C ASP C 494 6.02 -7.26 15.36
N MET C 495 5.37 -6.53 14.45
CA MET C 495 4.59 -7.19 13.42
C MET C 495 5.49 -7.84 12.36
N ILE C 496 6.29 -7.04 11.65
CA ILE C 496 7.06 -7.54 10.52
C ILE C 496 8.50 -7.88 10.88
N GLY C 497 8.96 -7.53 12.08
CA GLY C 497 10.26 -7.96 12.56
C GLY C 497 11.37 -6.95 12.42
N PHE C 498 11.13 -5.82 11.76
CA PHE C 498 12.16 -4.80 11.60
C PHE C 498 11.51 -3.42 11.53
N PRO C 499 12.18 -2.37 12.01
CA PRO C 499 11.55 -1.05 12.09
C PRO C 499 11.43 -0.40 10.72
N PRO C 500 10.60 0.63 10.60
CA PRO C 500 10.37 1.24 9.27
C PRO C 500 11.64 1.77 8.61
N GLY C 501 12.58 2.28 9.40
CA GLY C 501 13.76 2.92 8.84
C GLY C 501 13.57 4.41 8.66
N PRO C 502 14.61 5.09 8.14
CA PRO C 502 14.59 6.55 8.09
C PRO C 502 13.66 7.12 7.03
N TRP C 503 13.57 6.49 5.86
CA TRP C 503 12.75 7.01 4.76
C TRP C 503 11.28 7.11 5.19
N MET C 504 10.72 6.03 5.71
CA MET C 504 9.36 6.01 6.22
C MET C 504 9.23 6.93 7.43
N LYS C 505 10.17 6.90 8.37
CA LYS C 505 10.05 7.68 9.61
C LYS C 505 9.96 9.17 9.29
N TYR C 506 10.89 9.69 8.50
CA TYR C 506 10.85 11.11 8.18
C TYR C 506 9.77 11.46 7.17
N SER C 507 9.40 10.54 6.28
CA SER C 507 8.28 10.77 5.36
C SER C 507 6.97 10.96 6.12
N TRP C 508 6.74 10.23 7.20
CA TRP C 508 5.60 10.46 8.09
C TRP C 508 5.79 11.68 8.98
N ALA C 509 6.99 11.92 9.52
CA ALA C 509 7.20 13.00 10.48
C ALA C 509 7.12 14.38 9.82
N VAL C 510 7.79 14.56 8.67
CA VAL C 510 8.00 15.90 8.13
C VAL C 510 7.49 16.01 6.70
N ILE C 511 7.95 15.15 5.79
CA ILE C 511 7.76 15.35 4.36
C ILE C 511 6.27 15.29 3.99
N THR C 512 5.52 14.29 4.44
CA THR C 512 4.10 14.21 4.09
C THR C 512 3.27 15.31 4.75
N PRO C 513 3.40 15.63 6.04
CA PRO C 513 2.80 16.84 6.59
C PRO C 513 3.15 18.11 5.80
N VAL C 514 4.41 18.34 5.44
CA VAL C 514 4.84 19.56 4.78
C VAL C 514 4.19 19.68 3.41
N LEU C 515 4.22 18.60 2.61
CA LEU C 515 3.63 18.58 1.26
C LEU C 515 2.12 18.80 1.32
N CYS C 516 1.43 18.09 2.20
CA CYS C 516 -0.02 18.20 2.30
C CYS C 516 -0.48 19.54 2.87
N VAL C 517 0.35 20.27 3.61
CA VAL C 517 0.03 21.63 4.01
C VAL C 517 0.38 22.61 2.89
N GLY C 518 1.53 22.40 2.26
CA GLY C 518 1.98 23.32 1.22
C GLY C 518 1.05 23.37 0.04
N CYS C 519 0.61 22.21 -0.46
CA CYS C 519 -0.29 22.19 -1.62
C CYS C 519 -1.64 22.82 -1.28
N PHE C 520 -2.13 22.62 -0.06
CA PHE C 520 -3.40 23.21 0.35
C PHE C 520 -3.28 24.73 0.44
N ILE C 521 -2.27 25.22 1.15
CA ILE C 521 -2.08 26.65 1.32
C ILE C 521 -1.79 27.31 -0.02
N PHE C 522 -0.99 26.67 -0.86
CA PHE C 522 -0.68 27.22 -2.18
C PHE C 522 -1.93 27.29 -3.04
N SER C 523 -2.79 26.28 -2.95
CA SER C 523 -4.05 26.31 -3.69
C SER C 523 -4.90 27.50 -3.26
N LEU C 524 -5.01 27.74 -1.96
CA LEU C 524 -5.83 28.86 -1.52
C LEU C 524 -5.17 30.21 -1.80
N VAL C 525 -3.83 30.27 -1.82
CA VAL C 525 -3.16 31.54 -2.04
C VAL C 525 -3.25 31.97 -3.50
N LYS C 526 -3.32 31.00 -4.43
CA LYS C 526 -3.37 31.28 -5.85
C LYS C 526 -4.61 30.64 -6.50
N TYR C 527 -5.75 30.66 -5.81
CA TYR C 527 -6.95 29.91 -6.21
C TYR C 527 -7.46 30.24 -7.61
N VAL C 528 -7.74 29.19 -8.39
CA VAL C 528 -8.38 29.26 -9.71
C VAL C 528 -9.51 28.23 -9.81
N PRO C 529 -10.67 28.58 -10.38
CA PRO C 529 -11.83 27.70 -10.39
C PRO C 529 -11.69 26.54 -11.37
N LEU C 530 -12.58 25.56 -11.27
CA LEU C 530 -12.70 24.44 -12.21
C LEU C 530 -13.31 24.89 -13.55
N THR C 531 -13.05 24.18 -14.65
CA THR C 531 -13.46 24.62 -16.01
C THR C 531 -14.01 23.56 -16.96
N TYR C 532 -13.99 22.26 -16.66
CA TYR C 532 -14.25 21.18 -17.63
C TYR C 532 -13.25 21.24 -18.81
N ASN C 533 -13.66 21.04 -20.06
CA ASN C 533 -12.81 21.30 -21.22
C ASN C 533 -12.55 22.81 -21.28
N LYS C 534 -11.31 23.22 -21.53
CA LYS C 534 -10.77 24.50 -21.07
C LYS C 534 -11.51 25.80 -21.46
N THR C 535 -12.46 25.76 -22.40
CA THR C 535 -13.28 26.91 -22.81
C THR C 535 -14.49 27.18 -21.91
N TYR C 536 -14.98 26.20 -21.15
CA TYR C 536 -16.15 26.38 -20.27
C TYR C 536 -15.79 26.98 -18.91
N VAL C 537 -16.76 27.58 -18.20
CA VAL C 537 -16.61 28.04 -16.82
C VAL C 537 -17.81 27.63 -15.96
N TYR C 538 -17.55 27.05 -14.80
CA TYR C 538 -18.60 26.65 -13.88
C TYR C 538 -19.20 27.88 -13.19
N PRO C 539 -20.51 27.92 -12.93
CA PRO C 539 -21.10 28.98 -12.11
C PRO C 539 -20.73 28.83 -10.65
N ASN C 540 -20.94 29.92 -9.91
CA ASN C 540 -20.55 29.94 -8.50
C ASN C 540 -21.28 28.89 -7.69
N TRP C 541 -22.55 28.63 -8.00
CA TRP C 541 -23.30 27.63 -7.25
C TRP C 541 -22.73 26.22 -7.46
N ALA C 542 -22.21 25.94 -8.65
CA ALA C 542 -21.58 24.64 -8.88
C ALA C 542 -20.29 24.50 -8.07
N ILE C 543 -19.48 25.56 -8.00
CA ILE C 543 -18.25 25.55 -7.19
C ILE C 543 -18.63 25.44 -5.71
N GLY C 544 -19.75 26.03 -5.28
CA GLY C 544 -20.22 25.84 -3.93
C GLY C 544 -20.64 24.41 -3.65
N LEU C 545 -21.27 23.76 -4.61
CA LEU C 545 -21.61 22.35 -4.47
C LEU C 545 -20.36 21.49 -4.36
N GLY C 546 -19.35 21.79 -5.17
CA GLY C 546 -18.09 21.05 -5.09
C GLY C 546 -17.45 21.17 -3.72
N TRP C 547 -17.35 22.40 -3.21
CA TRP C 547 -16.85 22.58 -1.85
C TRP C 547 -17.79 21.94 -0.83
N SER C 548 -19.08 21.85 -1.12
CA SER C 548 -19.98 21.16 -0.21
C SER C 548 -19.61 19.70 -0.09
N LEU C 549 -19.29 19.05 -1.22
CA LEU C 549 -18.84 17.67 -1.17
C LEU C 549 -17.52 17.54 -0.43
N ALA C 550 -16.54 18.38 -0.82
CA ALA C 550 -15.21 18.28 -0.22
C ALA C 550 -15.30 18.48 1.29
N LEU C 551 -16.05 19.47 1.73
CA LEU C 551 -16.18 19.72 3.16
C LEU C 551 -17.02 18.65 3.86
N SER C 552 -18.03 18.10 3.18
CA SER C 552 -18.78 17.00 3.77
C SER C 552 -17.86 15.83 4.06
N SER C 553 -16.80 15.69 3.27
CA SER C 553 -15.77 14.71 3.60
C SER C 553 -14.86 15.21 4.72
N MET C 554 -14.33 16.43 4.58
CA MET C 554 -13.24 16.89 5.44
C MET C 554 -13.69 17.10 6.88
N LEU C 555 -14.88 17.69 7.08
CA LEU C 555 -15.29 18.13 8.42
C LEU C 555 -15.47 16.98 9.39
N CYS C 556 -15.51 15.73 8.91
CA CYS C 556 -15.72 14.60 9.81
C CYS C 556 -14.69 14.54 10.91
N VAL C 557 -13.50 15.12 10.70
CA VAL C 557 -12.47 15.10 11.73
C VAL C 557 -12.84 16.09 12.83
N PRO C 558 -12.98 17.41 12.54
CA PRO C 558 -13.37 18.33 13.63
C PRO C 558 -14.66 17.95 14.32
N LEU C 559 -15.66 17.48 13.57
CA LEU C 559 -16.95 17.17 14.15
C LEU C 559 -16.83 16.05 15.17
N VAL C 560 -16.12 14.98 14.82
CA VAL C 560 -15.95 13.88 15.77
C VAL C 560 -15.09 14.32 16.94
N ILE C 561 -14.06 15.13 16.69
CA ILE C 561 -13.23 15.61 17.79
C ILE C 561 -14.10 16.34 18.81
N VAL C 562 -14.91 17.29 18.35
CA VAL C 562 -15.71 18.08 19.29
C VAL C 562 -16.78 17.23 19.93
N ILE C 563 -17.39 16.31 19.18
CA ILE C 563 -18.42 15.44 19.74
C ILE C 563 -17.85 14.63 20.88
N ARG C 564 -16.69 14.02 20.68
CA ARG C 564 -16.09 13.19 21.71
C ARG C 564 -15.59 14.04 22.88
N LEU C 565 -15.09 15.25 22.62
CA LEU C 565 -14.69 16.13 23.71
C LEU C 565 -15.89 16.55 24.56
N CYS C 566 -17.08 16.61 23.96
CA CYS C 566 -18.29 16.97 24.69
C CYS C 566 -19.01 15.76 25.27
N GLN C 567 -18.92 14.60 24.62
CA GLN C 567 -19.63 13.41 25.08
C GLN C 567 -18.96 12.71 26.25
N THR C 568 -17.72 13.07 26.60
CA THR C 568 -16.96 12.37 27.62
C THR C 568 -16.86 13.23 28.87
N GLU C 569 -17.19 12.65 30.02
CA GLU C 569 -17.23 13.38 31.29
C GLU C 569 -15.82 13.72 31.78
N GLY C 570 -15.78 14.67 32.72
CA GLY C 570 -14.55 15.05 33.38
C GLY C 570 -14.03 16.41 32.97
N PRO C 571 -12.98 16.89 33.64
CA PRO C 571 -12.39 18.18 33.27
C PRO C 571 -11.85 18.18 31.85
N PHE C 572 -11.70 19.38 31.29
CA PHE C 572 -11.36 19.51 29.88
C PHE C 572 -10.06 18.79 29.55
N LEU C 573 -8.98 19.10 30.28
CA LEU C 573 -7.71 18.44 30.00
C LEU C 573 -7.76 16.97 30.34
N VAL C 574 -8.54 16.58 31.34
CA VAL C 574 -8.68 15.17 31.66
C VAL C 574 -9.32 14.43 30.49
N ARG C 575 -10.37 15.02 29.90
CA ARG C 575 -10.99 14.41 28.72
C ARG C 575 -10.02 14.35 27.55
N VAL C 576 -9.23 15.41 27.35
CA VAL C 576 -8.29 15.43 26.24
C VAL C 576 -7.26 14.30 26.40
N LYS C 577 -6.75 14.14 27.62
CA LYS C 577 -5.82 13.05 27.91
C LYS C 577 -6.48 11.69 27.74
N TYR C 578 -7.74 11.56 28.19
CA TYR C 578 -8.43 10.28 28.10
C TYR C 578 -8.65 9.87 26.67
N LEU C 579 -8.89 10.84 25.77
CA LEU C 579 -9.18 10.52 24.38
C LEU C 579 -7.93 10.49 23.52
N LEU C 580 -6.83 11.10 23.97
CA LEU C 580 -5.58 11.02 23.22
C LEU C 580 -4.91 9.65 23.42
N THR C 581 -5.02 9.09 24.61
CA THR C 581 -4.27 7.88 24.94
C THR C 581 -4.82 6.68 24.16
N PRO C 582 -3.94 5.78 23.67
CA PRO C 582 -4.41 4.60 22.93
C PRO C 582 -5.30 3.67 23.74
N ARG C 583 -5.82 2.64 23.07
CA ARG C 583 -6.50 1.52 23.70
C ARG C 583 -5.74 0.24 23.40
N GLU C 584 -5.79 -0.70 24.33
CA GLU C 584 -5.12 -1.98 24.14
C GLU C 584 -5.89 -2.87 23.17
#